data_5I34
#
_entry.id   5I34
#
_cell.length_a   55.807
_cell.length_b   100.774
_cell.length_c   163.798
_cell.angle_alpha   90.00
_cell.angle_beta   90.00
_cell.angle_gamma   90.00
#
_symmetry.space_group_name_H-M   'P 21 21 21'
#
loop_
_entity.id
_entity.type
_entity.pdbx_description
1 polymer 'Adenylosuccinate synthetase'
2 non-polymer "GUANOSINE-5'-DIPHOSPHATE"
3 non-polymer 'INOSINIC ACID'
4 water water
#
_entity_poly.entity_id   1
_entity_poly.type   'polypeptide(L)'
_entity_poly.pdbx_seq_one_letter_code
;RGSHHHHHHGSMAPSPEGVTVVLGAQWGDEGKGKLVDILAAEADICARCAGGNNAGHTIVVRNDKGEKTSYAFNLLPSGL
INPECTAFIGSGVVVHVPSLFNELDTLERKGLKVAGRLLVSDRAHLVMGFHQIVDGLKEVELGGSSIGTTRKGIGPAYSS
KASRSGLRVHHLFDPTFPAKFRKLVEGRFKRYGHFEFDTEGEIEMYLAFAERLRPFIVDGPTFMHNALSSGKRVLVEGAN
ALMLDLDYGTYPFVTSSSTSIGGVVSGLGISPFAIKRVVGVIKAYTTRVGGGPFPTEDLATVGETLQEVGAEYGTVTGRR
RRCGWLDLVVMKYSTMINGYTSLNLTKLDVLDGFEEIKVATGYKIDGVEVEGFPADLDRLAKVEVQYATLPGWKTDISNC
KTYEEFPENAKAYIKFIEDYLGVKVQYVGVGPGRDQNVIIF
;
_entity_poly.pdbx_strand_id   A,B
#
loop_
_chem_comp.id
_chem_comp.type
_chem_comp.name
_chem_comp.formula
GDP RNA linking GUANOSINE-5'-DIPHOSPHATE 'C10 H15 N5 O11 P2'
IMP non-polymer 'INOSINIC ACID' 'C10 H13 N4 O8 P'
#
# COMPACT_ATOMS: atom_id res chain seq x y z
N ALA A 13 -5.64 3.09 31.13
CA ALA A 13 -6.69 3.02 30.14
C ALA A 13 -6.49 1.81 29.20
N PRO A 14 -7.48 0.91 29.15
CA PRO A 14 -7.29 -0.31 28.34
C PRO A 14 -7.31 -0.02 26.86
N SER A 15 -6.49 -0.77 26.12
CA SER A 15 -6.53 -0.74 24.68
C SER A 15 -7.48 -1.80 24.18
N PRO A 16 -8.13 -1.54 23.03
CA PRO A 16 -9.06 -2.54 22.51
C PRO A 16 -8.38 -3.74 21.88
N GLU A 17 -9.08 -4.86 21.84
CA GLU A 17 -8.68 -5.96 20.98
C GLU A 17 -8.65 -5.44 19.55
N GLY A 18 -7.68 -5.92 18.77
CA GLY A 18 -7.53 -5.49 17.40
C GLY A 18 -6.40 -4.50 17.26
N VAL A 19 -6.44 -3.70 16.19
CA VAL A 19 -5.28 -2.88 15.81
C VAL A 19 -5.46 -1.42 16.24
N THR A 20 -4.48 -0.95 17.01
CA THR A 20 -4.26 0.45 17.28
C THR A 20 -3.05 0.92 16.48
N VAL A 21 -3.19 2.03 15.74
CA VAL A 21 -2.13 2.54 14.89
C VAL A 21 -1.67 3.91 15.36
N VAL A 22 -0.35 4.11 15.41
CA VAL A 22 0.27 5.42 15.61
C VAL A 22 0.87 5.87 14.29
N LEU A 23 0.37 6.99 13.77
CA LEU A 23 0.85 7.51 12.49
C LEU A 23 1.35 8.94 12.64
N GLY A 24 2.49 9.23 12.02
CA GLY A 24 2.94 10.60 11.92
C GLY A 24 2.07 11.36 10.92
N ALA A 25 1.70 12.58 11.27
CA ALA A 25 0.71 13.31 10.48
C ALA A 25 1.29 14.35 9.53
N GLN A 26 2.55 14.77 9.73
CA GLN A 26 3.15 15.84 8.96
C GLN A 26 4.29 15.29 8.09
N TRP A 27 5.50 15.84 8.20
CA TRP A 27 6.65 15.39 7.41
C TRP A 27 7.70 14.68 8.30
N GLY A 28 7.24 13.96 9.30
CA GLY A 28 8.16 13.21 10.14
C GLY A 28 8.74 13.98 11.31
N ASP A 29 9.44 13.24 12.16
CA ASP A 29 10.08 13.84 13.34
C ASP A 29 9.08 14.50 14.26
N GLU A 30 7.84 14.03 14.25
CA GLU A 30 6.84 14.65 15.11
C GLU A 30 7.05 14.33 16.57
N GLY A 31 7.63 13.17 16.84
CA GLY A 31 7.76 12.69 18.21
C GLY A 31 6.86 11.50 18.53
N LYS A 32 6.83 10.52 17.63
CA LYS A 32 5.97 9.33 17.75
C LYS A 32 6.37 8.40 18.89
N GLY A 33 7.65 8.42 19.25
CA GLY A 33 8.21 7.45 20.17
C GLY A 33 7.53 7.40 21.52
N LYS A 34 7.25 8.57 22.09
CA LYS A 34 6.65 8.62 23.41
C LYS A 34 5.27 7.97 23.41
N LEU A 35 4.45 8.26 22.39
CA LEU A 35 3.13 7.65 22.34
C LEU A 35 3.22 6.13 22.12
N VAL A 36 4.12 5.68 21.27
CA VAL A 36 4.29 4.24 21.09
C VAL A 36 4.65 3.56 22.43
N ASP A 37 5.51 4.21 23.20
CA ASP A 37 5.88 3.72 24.53
C ASP A 37 4.66 3.63 25.45
N ILE A 38 3.88 4.71 25.49
CA ILE A 38 2.67 4.75 26.29
C ILE A 38 1.72 3.63 25.92
N LEU A 39 1.48 3.45 24.63
CA LEU A 39 0.49 2.47 24.19
C LEU A 39 1.03 1.05 24.22
N ALA A 40 2.34 0.89 24.13
CA ALA A 40 2.92 -0.48 24.15
C ALA A 40 2.68 -1.18 25.48
N ALA A 41 2.42 -0.42 26.54
CA ALA A 41 2.17 -0.99 27.85
C ALA A 41 0.88 -1.79 27.84
N GLU A 42 0.00 -1.47 26.88
CA GLU A 42 -1.29 -2.14 26.73
C GLU A 42 -1.41 -2.83 25.36
N ALA A 43 -0.31 -3.39 24.89
CA ALA A 43 -0.28 -4.15 23.68
C ALA A 43 0.29 -5.54 23.93
N ASP A 44 -0.27 -6.52 23.24
CA ASP A 44 0.28 -7.87 23.20
C ASP A 44 1.35 -8.01 22.14
N ILE A 45 1.13 -7.32 21.02
CA ILE A 45 2.01 -7.37 19.87
C ILE A 45 2.28 -5.97 19.39
N CYS A 46 3.54 -5.69 19.11
CA CYS A 46 3.96 -4.41 18.57
C CYS A 46 4.58 -4.64 17.20
N ALA A 47 4.06 -3.97 16.16
CA ALA A 47 4.39 -4.30 14.78
C ALA A 47 4.86 -3.11 13.95
N ARG A 48 5.80 -3.38 13.06
CA ARG A 48 6.14 -2.51 11.95
C ARG A 48 5.44 -3.06 10.70
N CYS A 49 4.81 -2.19 9.93
CA CYS A 49 4.07 -2.61 8.74
C CYS A 49 4.71 -2.20 7.42
N ALA A 50 5.49 -1.13 7.42
CA ALA A 50 6.11 -0.65 6.20
C ALA A 50 7.33 0.19 6.52
N GLY A 51 8.06 0.58 5.48
CA GLY A 51 9.26 1.35 5.66
C GLY A 51 10.47 0.51 6.00
N GLY A 52 11.56 1.19 6.33
CA GLY A 52 12.80 0.53 6.69
C GLY A 52 13.36 1.07 7.99
N ASN A 53 14.67 1.27 8.04
CA ASN A 53 15.31 1.69 9.28
C ASN A 53 15.42 3.20 9.45
N ASN A 54 14.27 3.87 9.34
CA ASN A 54 14.13 5.27 9.71
C ASN A 54 13.05 5.49 10.76
N ALA A 55 13.08 4.66 11.80
CA ALA A 55 12.13 4.78 12.90
C ALA A 55 12.88 4.77 14.22
N GLY A 56 14.02 5.46 14.22
CA GLY A 56 14.88 5.53 15.38
C GLY A 56 14.20 6.14 16.60
N HIS A 57 14.09 5.35 17.67
CA HIS A 57 13.59 5.82 18.96
C HIS A 57 14.55 5.45 20.06
N THR A 58 14.68 6.32 21.05
CA THR A 58 15.32 5.93 22.28
C THR A 58 14.30 6.07 23.38
N ILE A 59 14.17 5.02 24.18
CA ILE A 59 13.30 5.05 25.35
C ILE A 59 14.20 4.92 26.59
N VAL A 60 14.01 5.83 27.55
CA VAL A 60 14.82 5.88 28.76
C VAL A 60 13.98 5.39 29.96
N VAL A 61 14.38 4.23 30.49
CA VAL A 61 13.63 3.57 31.57
C VAL A 61 14.30 3.75 32.91
N ARG A 62 13.50 4.07 33.92
CA ARG A 62 14.00 4.16 35.29
C ARG A 62 13.73 2.85 36.02
N ASN A 63 14.76 2.30 36.66
CA ASN A 63 14.60 1.02 37.36
C ASN A 63 14.28 1.24 38.85
N ASP A 64 14.15 0.15 39.60
CA ASP A 64 13.71 0.26 40.99
C ASP A 64 14.81 0.77 41.92
N LYS A 65 16.00 1.03 41.38
CA LYS A 65 17.06 1.71 42.12
C LYS A 65 17.15 3.19 41.71
N GLY A 66 16.21 3.62 40.87
CA GLY A 66 16.16 5.00 40.41
C GLY A 66 17.16 5.34 39.30
N GLU A 67 17.81 4.33 38.74
CA GLU A 67 18.78 4.53 37.66
C GLU A 67 18.11 4.51 36.29
N LYS A 68 18.58 5.33 35.37
CA LYS A 68 18.01 5.39 34.04
C LYS A 68 18.87 4.63 33.03
N THR A 69 18.22 3.89 32.14
CA THR A 69 18.90 3.20 31.05
C THR A 69 18.25 3.56 29.72
N SER A 70 19.07 3.85 28.71
CA SER A 70 18.61 4.22 27.37
C SER A 70 18.63 3.01 26.44
N TYR A 71 17.49 2.71 25.84
CA TYR A 71 17.36 1.61 24.88
C TYR A 71 16.99 2.16 23.51
N ALA A 72 17.73 1.76 22.48
CA ALA A 72 17.57 2.28 21.12
C ALA A 72 16.92 1.26 20.20
N PHE A 73 15.90 1.72 19.49
CA PHE A 73 15.19 0.91 18.52
C PHE A 73 15.12 1.60 17.17
N ASN A 74 15.01 0.82 16.10
CA ASN A 74 14.82 1.39 14.78
C ASN A 74 13.96 0.47 13.92
N LEU A 75 14.56 -0.58 13.38
CA LEU A 75 13.80 -1.60 12.67
C LEU A 75 12.94 -2.35 13.65
N LEU A 76 13.49 -2.62 14.83
CA LEU A 76 12.74 -3.32 15.87
C LEU A 76 11.65 -2.44 16.45
N PRO A 77 10.43 -2.97 16.58
CA PRO A 77 9.37 -2.21 17.27
C PRO A 77 9.80 -1.78 18.68
N SER A 78 9.61 -0.50 18.98
CA SER A 78 9.95 0.08 20.28
C SER A 78 9.14 -0.52 21.41
N GLY A 79 8.00 -1.12 21.09
CA GLY A 79 7.17 -1.72 22.12
C GLY A 79 7.81 -2.90 22.82
N LEU A 80 8.97 -3.35 22.33
CA LEU A 80 9.76 -4.37 23.02
C LEU A 80 10.15 -3.91 24.42
N ILE A 81 10.08 -2.61 24.65
CA ILE A 81 10.35 -2.06 25.96
C ILE A 81 9.39 -2.65 27.00
N ASN A 82 8.21 -3.06 26.56
CA ASN A 82 7.30 -3.84 27.40
C ASN A 82 7.76 -5.30 27.34
N PRO A 83 8.26 -5.84 28.44
CA PRO A 83 8.89 -7.16 28.39
C PRO A 83 7.95 -8.30 28.05
N GLU A 84 6.64 -8.05 28.11
CA GLU A 84 5.66 -9.09 27.82
C GLU A 84 5.17 -9.07 26.38
N CYS A 85 5.52 -8.00 25.64
CA CYS A 85 5.14 -7.80 24.24
C CYS A 85 5.90 -8.74 23.29
N THR A 86 5.25 -9.10 22.21
CA THR A 86 5.90 -9.72 21.06
C THR A 86 6.05 -8.68 19.96
N ALA A 87 7.21 -8.66 19.32
CA ALA A 87 7.47 -7.75 18.21
C ALA A 87 7.30 -8.49 16.90
N PHE A 88 6.72 -7.80 15.92
CA PHE A 88 6.47 -8.37 14.60
C PHE A 88 6.85 -7.42 13.48
N ILE A 89 7.64 -7.93 12.54
CA ILE A 89 8.00 -7.19 11.35
C ILE A 89 7.17 -7.73 10.17
N GLY A 90 6.27 -6.89 9.67
CA GLY A 90 5.32 -7.30 8.64
C GLY A 90 5.92 -7.43 7.26
N SER A 91 5.11 -7.97 6.36
CA SER A 91 5.52 -8.22 4.99
C SER A 91 5.82 -6.96 4.20
N GLY A 92 5.26 -5.83 4.63
CA GLY A 92 5.42 -4.60 3.89
C GLY A 92 6.70 -3.84 4.15
N VAL A 93 7.52 -4.36 5.07
CA VAL A 93 8.75 -3.71 5.51
C VAL A 93 9.90 -4.07 4.59
N VAL A 94 10.90 -3.21 4.52
CA VAL A 94 12.17 -3.57 3.87
C VAL A 94 13.25 -3.59 4.96
N VAL A 95 13.92 -4.74 5.06
CA VAL A 95 14.80 -5.07 6.18
C VAL A 95 16.26 -5.10 5.75
N HIS A 96 17.06 -4.23 6.35
CA HIS A 96 18.51 -4.34 6.26
C HIS A 96 18.98 -5.26 7.39
N VAL A 97 19.25 -6.52 7.05
CA VAL A 97 19.50 -7.51 8.08
C VAL A 97 20.73 -7.22 8.97
N PRO A 98 21.83 -6.70 8.41
CA PRO A 98 22.97 -6.37 9.30
C PRO A 98 22.58 -5.36 10.38
N SER A 99 21.82 -4.34 9.98
CA SER A 99 21.34 -3.31 10.90
C SER A 99 20.43 -3.90 11.95
N LEU A 100 19.55 -4.81 11.53
CA LEU A 100 18.64 -5.46 12.45
C LEU A 100 19.42 -6.14 13.57
N PHE A 101 20.44 -6.91 13.20
CA PHE A 101 21.17 -7.62 14.24
C PHE A 101 22.09 -6.70 15.06
N ASN A 102 22.57 -5.60 14.48
CA ASN A 102 23.35 -4.64 15.29
C ASN A 102 22.44 -4.06 16.37
N GLU A 103 21.25 -3.71 15.96
CA GLU A 103 20.25 -3.16 16.85
C GLU A 103 19.90 -4.15 17.97
N LEU A 104 19.64 -5.38 17.58
CA LEU A 104 19.24 -6.44 18.49
C LEU A 104 20.34 -6.75 19.49
N ASP A 105 21.57 -6.93 18.99
CA ASP A 105 22.66 -7.25 19.87
C ASP A 105 22.97 -6.13 20.86
N THR A 106 22.81 -4.88 20.43
CA THR A 106 23.06 -3.74 21.32
C THR A 106 22.03 -3.78 22.45
N LEU A 107 20.77 -4.05 22.11
CA LEU A 107 19.73 -4.10 23.16
C LEU A 107 20.00 -5.25 24.16
N GLU A 108 20.40 -6.41 23.65
CA GLU A 108 20.56 -7.57 24.51
C GLU A 108 21.77 -7.39 25.42
N ARG A 109 22.79 -6.70 24.97
CA ARG A 109 23.93 -6.40 25.84
C ARG A 109 23.51 -5.49 26.99
N LYS A 110 22.42 -4.74 26.81
CA LYS A 110 21.93 -3.84 27.85
C LYS A 110 20.90 -4.51 28.76
N GLY A 111 20.59 -5.78 28.48
CA GLY A 111 19.72 -6.57 29.33
C GLY A 111 18.31 -6.74 28.82
N LEU A 112 18.01 -6.19 27.64
CA LEU A 112 16.67 -6.30 27.07
C LEU A 112 16.64 -7.51 26.18
N LYS A 113 15.77 -8.47 26.50
CA LYS A 113 15.66 -9.72 25.75
C LYS A 113 14.82 -9.52 24.52
N VAL A 114 15.38 -9.84 23.35
CA VAL A 114 14.68 -9.64 22.08
C VAL A 114 14.46 -10.99 21.40
N ALA A 115 15.52 -11.75 21.22
CA ALA A 115 15.38 -13.08 20.62
C ALA A 115 14.38 -13.89 21.44
N GLY A 116 13.45 -14.56 20.78
CA GLY A 116 12.40 -15.29 21.47
C GLY A 116 11.09 -14.51 21.50
N ARG A 117 11.18 -13.19 21.28
CA ARG A 117 10.03 -12.29 21.28
C ARG A 117 9.89 -11.54 19.98
N LEU A 118 10.63 -11.95 18.96
CA LEU A 118 10.70 -11.22 17.71
C LEU A 118 10.35 -12.16 16.56
N LEU A 119 9.37 -11.76 15.77
CA LEU A 119 8.93 -12.53 14.61
C LEU A 119 9.04 -11.68 13.35
N VAL A 120 9.47 -12.28 12.24
CA VAL A 120 9.76 -11.57 11.01
C VAL A 120 9.05 -12.28 9.88
N SER A 121 8.19 -11.56 9.16
CA SER A 121 7.46 -12.14 8.04
C SER A 121 8.43 -12.65 6.98
N ASP A 122 8.21 -13.87 6.49
CA ASP A 122 9.07 -14.41 5.45
C ASP A 122 8.84 -13.77 4.08
N ARG A 123 7.88 -12.84 4.00
CA ARG A 123 7.62 -12.07 2.79
C ARG A 123 8.19 -10.65 2.85
N ALA A 124 8.80 -10.24 3.96
CA ALA A 124 9.46 -8.94 3.99
C ALA A 124 10.61 -8.93 2.98
N HIS A 125 10.87 -7.76 2.40
CA HIS A 125 11.93 -7.64 1.41
C HIS A 125 13.26 -7.27 2.08
N LEU A 126 14.36 -7.62 1.41
CA LEU A 126 15.70 -7.39 1.93
C LEU A 126 16.37 -6.18 1.28
N VAL A 127 16.82 -5.25 2.15
CA VAL A 127 17.68 -4.16 1.72
C VAL A 127 19.10 -4.67 1.68
N MET A 128 19.72 -4.62 0.51
CA MET A 128 21.09 -5.07 0.35
C MET A 128 22.07 -3.91 0.35
N GLY A 129 23.34 -4.21 0.59
CA GLY A 129 24.38 -3.20 0.57
C GLY A 129 24.34 -2.36 -0.70
N PHE A 130 24.10 -3.01 -1.84
CA PHE A 130 24.14 -2.28 -3.10
C PHE A 130 22.94 -1.33 -3.23
N HIS A 131 21.84 -1.59 -2.52
CA HIS A 131 20.73 -0.66 -2.52
C HIS A 131 21.12 0.67 -1.87
N GLN A 132 21.87 0.60 -0.79
CA GLN A 132 22.30 1.80 -0.09
C GLN A 132 23.25 2.58 -0.98
N ILE A 133 24.14 1.88 -1.65
CA ILE A 133 25.11 2.54 -2.54
C ILE A 133 24.38 3.26 -3.69
N VAL A 134 23.45 2.61 -4.37
CA VAL A 134 22.85 3.25 -5.53
C VAL A 134 21.85 4.35 -5.11
N ASP A 135 21.37 4.29 -3.86
CA ASP A 135 20.53 5.35 -3.30
C ASP A 135 21.33 6.65 -3.38
N GLY A 136 22.54 6.58 -2.86
CA GLY A 136 23.46 7.70 -2.96
C GLY A 136 23.84 8.08 -4.37
N LEU A 137 24.10 7.09 -5.24
CA LEU A 137 24.53 7.40 -6.61
C LEU A 137 23.44 8.16 -7.35
N LYS A 138 22.19 7.73 -7.16
CA LYS A 138 21.05 8.38 -7.80
C LYS A 138 20.90 9.81 -7.29
N GLU A 139 21.05 9.98 -5.99
CA GLU A 139 20.94 11.30 -5.38
C GLU A 139 21.97 12.26 -5.93
N VAL A 140 23.21 11.79 -6.10
CA VAL A 140 24.27 12.59 -6.71
C VAL A 140 23.90 12.90 -8.17
N GLU A 141 23.47 11.86 -8.90
CA GLU A 141 23.04 11.99 -10.29
C GLU A 141 21.97 13.08 -10.49
N LEU A 142 21.16 13.31 -9.45
CA LEU A 142 20.08 14.29 -9.51
C LEU A 142 20.54 15.71 -9.25
N GLY A 143 21.74 15.85 -8.66
CA GLY A 143 22.33 17.15 -8.42
C GLY A 143 21.44 18.05 -7.57
N GLY A 144 21.07 19.20 -8.12
CA GLY A 144 20.25 20.16 -7.39
C GLY A 144 18.83 19.67 -7.18
N SER A 145 18.43 18.63 -7.89
CA SER A 145 17.08 18.09 -7.78
C SER A 145 17.04 16.85 -6.89
N SER A 146 18.08 16.64 -6.11
CA SER A 146 18.08 15.50 -5.19
C SER A 146 16.89 15.61 -4.24
N ILE A 147 16.41 14.45 -3.81
CA ILE A 147 15.25 14.32 -2.92
C ILE A 147 15.60 14.52 -1.46
N GLY A 148 16.85 14.28 -1.12
CA GLY A 148 17.28 14.29 0.27
C GLY A 148 16.99 12.98 0.98
N THR A 149 17.15 11.86 0.27
CA THR A 149 16.93 10.56 0.91
C THR A 149 17.94 10.34 2.04
N THR A 150 17.62 9.39 2.91
CA THR A 150 18.49 9.07 4.05
C THR A 150 19.65 8.16 3.65
N ARG A 151 19.68 7.79 2.37
CA ARG A 151 20.73 6.96 1.77
C ARG A 151 20.86 5.62 2.47
N LYS A 152 19.71 5.11 2.95
CA LYS A 152 19.66 3.81 3.58
C LYS A 152 19.15 2.71 2.65
N GLY A 153 19.02 3.01 1.36
CA GLY A 153 18.66 1.99 0.38
C GLY A 153 17.16 1.71 0.30
N ILE A 154 16.34 2.52 0.95
CA ILE A 154 14.91 2.22 1.04
C ILE A 154 14.22 2.29 -0.31
N GLY A 155 14.47 3.37 -1.06
CA GLY A 155 13.89 3.52 -2.39
C GLY A 155 14.29 2.40 -3.32
N PRO A 156 15.61 2.15 -3.44
CA PRO A 156 16.04 1.09 -4.34
C PRO A 156 15.48 -0.27 -3.97
N ALA A 157 15.28 -0.54 -2.67
CA ALA A 157 14.69 -1.82 -2.28
C ALA A 157 13.23 -1.90 -2.71
N TYR A 158 12.48 -0.82 -2.54
CA TYR A 158 11.08 -0.80 -2.97
C TYR A 158 10.97 -0.81 -4.50
N SER A 159 11.95 -0.25 -5.21
CA SER A 159 11.93 -0.29 -6.66
C SER A 159 12.18 -1.71 -7.15
N SER A 160 13.12 -2.37 -6.52
CA SER A 160 13.39 -3.76 -6.85
C SER A 160 12.19 -4.64 -6.51
N LYS A 161 11.51 -4.33 -5.42
CA LYS A 161 10.29 -5.04 -5.08
C LYS A 161 9.24 -4.89 -6.18
N ALA A 162 8.96 -3.65 -6.60
CA ALA A 162 8.00 -3.43 -7.66
C ALA A 162 8.38 -4.15 -8.97
N SER A 163 9.67 -4.18 -9.29
CA SER A 163 10.15 -4.89 -10.49
C SER A 163 9.93 -6.39 -10.36
N ARG A 164 9.88 -6.86 -9.12
CA ARG A 164 9.79 -8.29 -8.74
C ARG A 164 11.12 -9.01 -8.91
N SER A 165 12.21 -8.23 -8.97
CA SER A 165 13.54 -8.77 -8.89
C SER A 165 14.07 -8.83 -7.47
N GLY A 166 13.40 -8.15 -6.55
CA GLY A 166 13.87 -8.06 -5.18
C GLY A 166 13.85 -9.39 -4.47
N LEU A 167 14.70 -9.50 -3.46
CA LEU A 167 14.80 -10.72 -2.66
C LEU A 167 14.08 -10.52 -1.32
N ARG A 168 13.43 -11.57 -0.88
CA ARG A 168 12.63 -11.56 0.33
C ARG A 168 13.26 -12.48 1.38
N VAL A 169 12.77 -12.39 2.60
CA VAL A 169 13.34 -13.14 3.69
C VAL A 169 13.43 -14.64 3.36
N HIS A 170 12.39 -15.20 2.72
CA HIS A 170 12.45 -16.64 2.42
C HIS A 170 13.60 -16.99 1.48
N HIS A 171 14.07 -16.04 0.68
CA HIS A 171 15.15 -16.34 -0.26
C HIS A 171 16.44 -16.62 0.45
N LEU A 172 16.55 -16.24 1.71
CA LEU A 172 17.80 -16.46 2.43
C LEU A 172 18.06 -17.95 2.59
N PHE A 173 17.03 -18.77 2.42
CA PHE A 173 17.16 -20.22 2.58
C PHE A 173 17.00 -20.97 1.28
N ASP A 174 17.05 -20.21 0.20
CA ASP A 174 16.84 -20.67 -1.17
C ASP A 174 18.21 -20.91 -1.82
N PRO A 175 18.42 -22.11 -2.40
CA PRO A 175 19.73 -22.45 -2.99
C PRO A 175 20.15 -21.50 -4.09
N THR A 176 19.19 -20.80 -4.69
CA THR A 176 19.50 -19.87 -5.78
C THR A 176 19.77 -18.46 -5.28
N PHE A 177 19.74 -18.24 -3.96
CA PHE A 177 20.05 -16.90 -3.45
C PHE A 177 21.38 -16.32 -4.00
N PRO A 178 22.50 -17.08 -3.97
CA PRO A 178 23.71 -16.48 -4.52
C PRO A 178 23.57 -16.05 -5.99
N ALA A 179 22.99 -16.90 -6.83
CA ALA A 179 22.85 -16.58 -8.24
C ALA A 179 21.95 -15.34 -8.44
N LYS A 180 20.85 -15.30 -7.72
CA LYS A 180 19.94 -14.16 -7.84
C LYS A 180 20.58 -12.87 -7.34
N PHE A 181 21.35 -12.97 -6.26
CA PHE A 181 22.04 -11.82 -5.70
C PHE A 181 23.02 -11.25 -6.73
N ARG A 182 23.81 -12.13 -7.36
CA ARG A 182 24.75 -11.71 -8.39
C ARG A 182 24.04 -10.98 -9.54
N LYS A 183 22.91 -11.52 -9.98
CA LYS A 183 22.18 -10.91 -11.08
C LYS A 183 21.67 -9.53 -10.70
N LEU A 184 21.24 -9.36 -9.46
CA LEU A 184 20.82 -8.04 -8.97
C LEU A 184 21.96 -7.03 -9.03
N VAL A 185 23.15 -7.43 -8.58
CA VAL A 185 24.33 -6.58 -8.64
C VAL A 185 24.60 -6.19 -10.09
N GLU A 186 24.50 -7.18 -10.98
CA GLU A 186 24.80 -6.96 -12.40
C GLU A 186 23.85 -5.92 -13.01
N GLY A 187 22.58 -5.98 -12.61
CA GLY A 187 21.60 -5.01 -13.09
C GLY A 187 21.89 -3.60 -12.62
N ARG A 188 22.30 -3.46 -11.36
CA ARG A 188 22.66 -2.16 -10.82
C ARG A 188 23.91 -1.63 -11.53
N PHE A 189 24.85 -2.53 -11.84
CA PHE A 189 26.04 -2.12 -12.58
C PHE A 189 25.66 -1.59 -13.96
N LYS A 190 24.67 -2.20 -14.61
CA LYS A 190 24.23 -1.72 -15.91
C LYS A 190 23.63 -0.31 -15.81
N ARG A 191 22.80 -0.09 -14.79
CA ARG A 191 22.14 1.18 -14.65
C ARG A 191 23.07 2.30 -14.19
N TYR A 192 23.95 1.99 -13.24
CA TYR A 192 24.74 3.04 -12.57
C TYR A 192 26.24 3.02 -12.86
N GLY A 193 26.72 1.97 -13.53
CA GLY A 193 28.15 1.75 -13.73
C GLY A 193 28.71 0.88 -12.60
N HIS A 194 29.97 0.44 -12.72
CA HIS A 194 30.57 -0.41 -11.70
C HIS A 194 30.98 0.43 -10.51
N PHE A 195 30.45 0.08 -9.36
CA PHE A 195 30.91 0.63 -8.10
C PHE A 195 31.58 -0.50 -7.34
N GLU A 196 32.42 -0.15 -6.37
CA GLU A 196 33.07 -1.17 -5.56
C GLU A 196 32.05 -1.91 -4.74
N PHE A 197 32.02 -3.23 -4.89
CA PHE A 197 31.09 -4.06 -4.12
C PHE A 197 31.61 -5.49 -4.06
N ASP A 198 31.84 -5.97 -2.84
CA ASP A 198 32.33 -7.33 -2.63
C ASP A 198 31.16 -8.31 -2.66
N THR A 199 30.75 -8.65 -3.88
CA THR A 199 29.56 -9.47 -4.08
C THR A 199 29.64 -10.81 -3.34
N GLU A 200 30.74 -11.53 -3.49
CA GLU A 200 30.83 -12.86 -2.88
C GLU A 200 30.92 -12.77 -1.36
N GLY A 201 31.66 -11.79 -0.85
CA GLY A 201 31.74 -11.57 0.59
C GLY A 201 30.38 -11.24 1.21
N GLU A 202 29.59 -10.43 0.50
CA GLU A 202 28.25 -10.07 0.97
C GLU A 202 27.34 -11.28 1.01
N ILE A 203 27.39 -12.11 -0.03
CA ILE A 203 26.60 -13.32 -0.05
C ILE A 203 26.91 -14.15 1.18
N GLU A 204 28.20 -14.34 1.45
CA GLU A 204 28.60 -15.14 2.59
C GLU A 204 28.08 -14.59 3.90
N MET A 205 28.15 -13.27 4.04
CA MET A 205 27.67 -12.60 5.22
C MET A 205 26.16 -12.84 5.42
N TYR A 206 25.41 -12.83 4.32
CA TYR A 206 23.97 -12.97 4.41
C TYR A 206 23.55 -14.39 4.71
N LEU A 207 24.29 -15.37 4.22
CA LEU A 207 23.99 -16.75 4.52
C LEU A 207 24.23 -16.97 6.02
N ALA A 208 25.20 -16.26 6.59
CA ALA A 208 25.46 -16.37 8.04
C ALA A 208 24.32 -15.77 8.84
N PHE A 209 23.85 -14.60 8.43
CA PHE A 209 22.73 -13.96 9.12
C PHE A 209 21.49 -14.83 9.02
N ALA A 210 21.37 -15.56 7.92
CA ALA A 210 20.20 -16.40 7.68
C ALA A 210 20.02 -17.38 8.84
N GLU A 211 21.13 -17.94 9.32
CA GLU A 211 21.04 -18.87 10.45
C GLU A 211 20.62 -18.16 11.74
N ARG A 212 21.09 -16.95 11.98
CA ARG A 212 20.65 -16.20 13.15
C ARG A 212 19.17 -15.85 13.02
N LEU A 213 18.71 -15.61 11.80
CA LEU A 213 17.34 -15.15 11.57
C LEU A 213 16.34 -16.30 11.62
N ARG A 214 16.83 -17.52 11.38
CA ARG A 214 15.94 -18.68 11.24
C ARG A 214 14.84 -18.78 12.32
N PRO A 215 15.20 -18.68 13.62
CA PRO A 215 14.21 -18.80 14.68
C PRO A 215 13.09 -17.76 14.67
N PHE A 216 13.34 -16.62 14.03
CA PHE A 216 12.39 -15.52 14.04
C PHE A 216 11.36 -15.61 12.93
N ILE A 217 11.61 -16.45 11.94
CA ILE A 217 10.83 -16.36 10.71
C ILE A 217 9.45 -17.01 10.86
N VAL A 218 8.45 -16.34 10.34
CA VAL A 218 7.07 -16.75 10.46
C VAL A 218 6.32 -16.46 9.16
N ASP A 219 5.23 -17.17 8.96
CA ASP A 219 4.26 -16.79 7.95
C ASP A 219 3.47 -15.62 8.51
N GLY A 220 3.64 -14.45 7.90
CA GLY A 220 3.07 -13.23 8.42
C GLY A 220 1.55 -13.20 8.44
N PRO A 221 0.91 -13.58 7.33
CA PRO A 221 -0.56 -13.56 7.29
C PRO A 221 -1.18 -14.45 8.35
N THR A 222 -0.65 -15.65 8.50
CA THR A 222 -1.16 -16.56 9.52
C THR A 222 -0.94 -16.03 10.93
N PHE A 223 0.24 -15.51 11.18
CA PHE A 223 0.56 -15.00 12.51
C PHE A 223 -0.41 -13.92 12.92
N MET A 224 -0.65 -12.96 12.03
CA MET A 224 -1.53 -11.85 12.37
C MET A 224 -2.99 -12.27 12.45
N HIS A 225 -3.40 -13.18 11.57
CA HIS A 225 -4.78 -13.62 11.57
C HIS A 225 -5.08 -14.36 12.88
N ASN A 226 -4.16 -15.22 13.31
CA ASN A 226 -4.33 -15.92 14.57
C ASN A 226 -4.34 -14.97 15.76
N ALA A 227 -3.46 -13.97 15.71
CA ALA A 227 -3.40 -12.97 16.77
C ALA A 227 -4.73 -12.24 16.86
N LEU A 228 -5.27 -11.81 15.73
CA LEU A 228 -6.52 -11.07 15.77
C LEU A 228 -7.67 -11.97 16.21
N SER A 229 -7.68 -13.22 15.79
CA SER A 229 -8.81 -14.08 16.12
C SER A 229 -8.80 -14.49 17.60
N SER A 230 -7.64 -14.47 18.24
CA SER A 230 -7.53 -14.81 19.65
C SER A 230 -7.64 -13.60 20.55
N GLY A 231 -8.02 -12.46 19.98
CA GLY A 231 -8.32 -11.27 20.74
C GLY A 231 -7.13 -10.46 21.18
N LYS A 232 -5.99 -10.60 20.49
CA LYS A 232 -4.78 -9.86 20.88
C LYS A 232 -4.94 -8.38 20.58
N ARG A 233 -4.26 -7.58 21.39
CA ARG A 233 -4.13 -6.14 21.17
C ARG A 233 -2.88 -5.89 20.37
N VAL A 234 -3.03 -5.38 19.15
CA VAL A 234 -1.90 -5.17 18.25
C VAL A 234 -1.66 -3.69 18.07
N LEU A 235 -0.46 -3.23 18.43
CA LEU A 235 -0.05 -1.83 18.26
C LEU A 235 0.85 -1.74 17.04
N VAL A 236 0.48 -0.88 16.09
CA VAL A 236 1.29 -0.68 14.90
C VAL A 236 2.00 0.66 14.97
N GLU A 237 3.32 0.59 14.91
CA GLU A 237 4.20 1.76 14.92
C GLU A 237 4.44 2.21 13.50
N GLY A 238 3.73 3.23 13.06
CA GLY A 238 3.94 3.77 11.73
C GLY A 238 5.32 4.42 11.63
N ALA A 239 5.95 4.27 10.46
CA ALA A 239 7.22 4.93 10.22
C ALA A 239 7.00 6.15 9.35
N ASN A 240 7.92 7.09 9.45
CA ASN A 240 7.83 8.31 8.68
C ASN A 240 6.51 9.02 8.99
N ALA A 241 5.84 9.57 7.97
CA ALA A 241 4.64 10.39 8.21
C ALA A 241 3.86 10.62 6.92
N LEU A 242 2.63 11.10 7.06
CA LEU A 242 1.68 11.19 5.95
C LEU A 242 2.20 12.01 4.77
N MET A 243 2.86 13.14 5.03
CA MET A 243 3.30 13.97 3.90
C MET A 243 4.57 13.43 3.24
N LEU A 244 5.05 12.28 3.72
CA LEU A 244 6.11 11.50 3.07
C LEU A 244 5.54 10.25 2.38
N ASP A 245 4.24 10.10 2.35
CA ASP A 245 3.59 8.92 1.72
C ASP A 245 3.90 8.91 0.21
N LEU A 246 4.19 7.74 -0.34
CA LEU A 246 4.56 7.64 -1.75
C LEU A 246 3.45 8.20 -2.65
N ASP A 247 2.19 7.90 -2.32
CA ASP A 247 1.05 8.43 -3.09
C ASP A 247 0.69 9.85 -2.69
N TYR A 248 0.58 10.12 -1.39
CA TYR A 248 -0.10 11.37 -0.94
C TYR A 248 0.81 12.48 -0.43
N GLY A 249 2.10 12.21 -0.27
CA GLY A 249 3.03 13.22 0.20
C GLY A 249 3.46 14.19 -0.88
N THR A 250 4.46 15.00 -0.57
CA THR A 250 4.95 16.02 -1.49
C THR A 250 5.89 15.38 -2.53
N TYR A 251 5.35 14.47 -3.32
CA TYR A 251 6.10 13.74 -4.35
C TYR A 251 6.83 14.72 -5.27
N PRO A 252 8.12 14.46 -5.59
CA PRO A 252 8.92 13.27 -5.30
C PRO A 252 9.66 13.27 -3.97
N PHE A 253 9.45 14.32 -3.17
CA PHE A 253 10.07 14.44 -1.85
C PHE A 253 9.26 13.66 -0.83
N VAL A 254 9.31 12.34 -1.00
CA VAL A 254 8.56 11.38 -0.22
C VAL A 254 9.42 10.13 -0.08
N THR A 255 9.00 9.24 0.82
CA THR A 255 9.61 7.93 0.91
C THR A 255 8.83 6.97 -0.01
N SER A 256 9.33 5.75 -0.16
CA SER A 256 8.85 4.85 -1.20
C SER A 256 7.88 3.78 -0.70
N SER A 257 7.30 4.02 0.48
CA SER A 257 6.30 3.11 1.05
C SER A 257 5.05 3.94 1.31
N SER A 258 3.95 3.24 1.53
CA SER A 258 2.75 3.85 2.05
C SER A 258 2.91 4.07 3.55
N THR A 259 3.13 5.32 3.93
CA THR A 259 3.26 5.71 5.34
C THR A 259 1.90 5.96 5.97
N SER A 260 0.87 5.94 5.14
CA SER A 260 -0.50 6.22 5.55
C SER A 260 -1.21 4.92 5.99
N ILE A 261 -2.47 5.06 6.38
CA ILE A 261 -3.19 3.97 7.02
C ILE A 261 -3.33 2.75 6.10
N GLY A 262 -3.42 2.95 4.78
CA GLY A 262 -3.49 1.82 3.88
C GLY A 262 -2.25 0.93 3.93
N GLY A 263 -1.10 1.51 4.28
CA GLY A 263 0.11 0.72 4.43
C GLY A 263 0.09 -0.21 5.61
N VAL A 264 -0.77 0.07 6.58
CA VAL A 264 -0.99 -0.83 7.70
C VAL A 264 -1.77 -2.06 7.21
N VAL A 265 -2.85 -1.82 6.50
CA VAL A 265 -3.69 -2.88 5.98
C VAL A 265 -2.87 -3.77 5.04
N SER A 266 -2.19 -3.17 4.07
CA SER A 266 -1.36 -3.93 3.12
C SER A 266 -0.17 -4.57 3.79
N GLY A 267 0.49 -3.81 4.64
CA GLY A 267 1.77 -4.23 5.18
C GLY A 267 1.64 -5.37 6.16
N LEU A 268 0.45 -5.51 6.76
CA LEU A 268 0.16 -6.62 7.66
C LEU A 268 -0.78 -7.66 7.06
N GLY A 269 -1.41 -7.37 5.92
CA GLY A 269 -2.27 -8.35 5.27
C GLY A 269 -3.49 -8.68 6.11
N ILE A 270 -4.11 -7.63 6.66
CA ILE A 270 -5.28 -7.76 7.48
C ILE A 270 -6.49 -7.08 6.85
N SER A 271 -7.66 -7.39 7.38
CA SER A 271 -8.88 -6.73 6.96
C SER A 271 -8.93 -5.31 7.53
N PRO A 272 -9.47 -4.35 6.77
CA PRO A 272 -9.65 -3.01 7.34
C PRO A 272 -10.54 -3.00 8.58
N PHE A 273 -11.39 -4.02 8.72
CA PHE A 273 -12.27 -4.12 9.88
C PHE A 273 -11.51 -4.34 11.19
N ALA A 274 -10.25 -4.76 11.09
CA ALA A 274 -9.41 -4.97 12.27
C ALA A 274 -8.88 -3.68 12.87
N ILE A 275 -8.93 -2.59 12.10
CA ILE A 275 -8.43 -1.30 12.57
C ILE A 275 -9.44 -0.66 13.52
N LYS A 276 -9.01 -0.39 14.75
CA LYS A 276 -9.90 0.15 15.78
C LYS A 276 -9.59 1.60 16.13
N ARG A 277 -8.31 1.96 16.10
CA ARG A 277 -7.83 3.28 16.56
C ARG A 277 -6.73 3.71 15.65
N VAL A 278 -6.72 5.00 15.31
CA VAL A 278 -5.67 5.56 14.49
C VAL A 278 -5.31 6.92 15.09
N VAL A 279 -4.21 6.97 15.82
CA VAL A 279 -3.82 8.19 16.49
C VAL A 279 -2.82 8.95 15.63
N GLY A 280 -3.14 10.20 15.32
CA GLY A 280 -2.29 11.04 14.51
C GLY A 280 -1.35 11.85 15.37
N VAL A 281 -0.05 11.79 15.04
CA VAL A 281 0.94 12.52 15.82
C VAL A 281 1.23 13.83 15.09
N ILE A 282 0.82 14.92 15.73
CA ILE A 282 0.86 16.26 15.15
C ILE A 282 1.78 17.10 16.04
N LYS A 283 2.90 17.55 15.49
CA LYS A 283 3.77 18.45 16.25
C LYS A 283 3.15 19.85 16.29
N ALA A 284 3.43 20.56 17.37
CA ALA A 284 2.79 21.87 17.61
C ALA A 284 3.29 22.97 16.66
N TYR A 285 4.35 22.65 15.91
CA TYR A 285 4.86 23.46 14.80
C TYR A 285 5.30 22.43 13.72
N THR A 286 5.68 22.91 12.54
CA THR A 286 5.99 22.01 11.43
C THR A 286 7.50 21.97 11.13
N THR A 287 8.01 20.77 10.87
CA THR A 287 9.36 20.60 10.33
C THR A 287 9.35 19.80 9.03
N ARG A 288 10.38 20.03 8.22
CA ARG A 288 10.63 19.25 6.99
C ARG A 288 12.12 19.03 6.84
N VAL A 289 12.47 17.87 6.32
CA VAL A 289 13.82 17.60 5.85
C VAL A 289 13.74 17.15 4.40
N GLY A 290 14.36 17.92 3.50
CA GLY A 290 14.34 17.59 2.10
C GLY A 290 13.89 18.79 1.29
N GLY A 291 13.89 18.63 -0.02
CA GLY A 291 13.62 19.73 -0.92
C GLY A 291 12.14 20.03 -1.11
N GLY A 292 11.85 20.93 -2.03
CA GLY A 292 10.49 21.30 -2.34
C GLY A 292 9.92 22.37 -1.44
N PRO A 293 8.74 22.89 -1.79
CA PRO A 293 8.04 23.92 -1.02
C PRO A 293 7.69 23.52 0.41
N PHE A 294 7.52 24.54 1.23
CA PHE A 294 7.22 24.41 2.65
C PHE A 294 6.45 25.67 3.03
N PRO A 295 5.11 25.65 2.87
CA PRO A 295 4.37 26.91 2.96
C PRO A 295 4.60 27.75 4.24
N THR A 296 4.70 27.12 5.41
CA THR A 296 4.81 27.88 6.65
C THR A 296 6.24 28.00 7.13
N GLU A 297 7.20 27.63 6.29
CA GLU A 297 8.61 27.75 6.65
C GLU A 297 8.98 29.18 7.06
N ASP A 298 9.75 29.29 8.13
CA ASP A 298 10.33 30.58 8.50
C ASP A 298 11.84 30.54 8.36
N LEU A 299 12.35 31.50 7.59
CA LEU A 299 13.77 31.59 7.27
C LEU A 299 14.49 32.63 8.13
N ALA A 300 13.80 33.12 9.15
CA ALA A 300 14.37 34.15 10.02
C ALA A 300 14.42 33.67 11.46
N THR A 301 14.10 34.55 12.40
CA THR A 301 14.30 34.27 13.80
C THR A 301 13.34 33.22 14.37
N VAL A 302 12.07 33.23 13.95
CA VAL A 302 11.13 32.20 14.39
C VAL A 302 11.64 30.79 14.04
N GLY A 303 12.08 30.60 12.80
CA GLY A 303 12.58 29.29 12.40
C GLY A 303 13.80 28.85 13.22
N GLU A 304 14.69 29.80 13.50
CA GLU A 304 15.89 29.52 14.28
C GLU A 304 15.53 29.15 15.71
N THR A 305 14.52 29.82 16.25
CA THR A 305 14.08 29.56 17.61
C THR A 305 13.43 28.19 17.72
N LEU A 306 12.58 27.85 16.77
CA LEU A 306 11.96 26.53 16.74
C LEU A 306 13.05 25.46 16.65
N GLN A 307 14.02 25.70 15.79
CA GLN A 307 15.10 24.72 15.56
C GLN A 307 15.92 24.49 16.83
N GLU A 308 16.28 25.58 17.50
CA GLU A 308 17.09 25.47 18.72
C GLU A 308 16.28 24.89 19.89
N VAL A 309 15.13 25.48 20.17
CA VAL A 309 14.37 25.04 21.33
C VAL A 309 13.83 23.62 21.11
N GLY A 310 13.42 23.30 19.88
CA GLY A 310 12.96 21.96 19.55
C GLY A 310 14.08 20.97 19.28
N ALA A 311 15.33 21.40 19.38
CA ALA A 311 16.50 20.54 19.07
C ALA A 311 16.33 19.81 17.75
N GLU A 312 15.91 20.55 16.74
CA GLU A 312 15.58 19.95 15.45
C GLU A 312 16.80 19.85 14.54
N TYR A 313 17.71 18.97 14.91
CA TYR A 313 18.99 18.91 14.20
C TYR A 313 19.15 17.60 13.47
N GLY A 314 18.59 16.54 14.03
CA GLY A 314 18.80 15.22 13.45
C GLY A 314 20.16 14.72 13.82
N THR A 315 20.57 13.61 13.21
CA THR A 315 21.80 12.93 13.60
C THR A 315 22.74 12.73 12.42
N VAL A 316 22.32 13.22 11.25
CA VAL A 316 23.09 13.06 10.02
C VAL A 316 23.38 14.40 9.36
N THR A 317 24.59 14.55 8.85
CA THR A 317 24.97 15.73 8.08
C THR A 317 24.03 15.96 6.92
N GLY A 318 23.58 17.20 6.75
CA GLY A 318 22.70 17.56 5.66
C GLY A 318 21.23 17.33 5.93
N ARG A 319 20.87 17.00 7.17
CA ARG A 319 19.48 16.76 7.52
C ARG A 319 19.00 17.62 8.69
N ARG A 320 19.67 18.76 8.91
CA ARG A 320 19.14 19.77 9.84
C ARG A 320 17.76 20.22 9.34
N ARG A 321 16.83 20.45 10.26
CA ARG A 321 15.46 20.54 9.84
C ARG A 321 14.99 21.94 9.53
N ARG A 322 14.25 22.04 8.45
CA ARG A 322 13.51 23.26 8.14
C ARG A 322 12.35 23.38 9.11
N CYS A 323 12.12 24.59 9.63
CA CYS A 323 11.10 24.81 10.66
C CYS A 323 10.14 25.92 10.25
N GLY A 324 8.88 25.74 10.64
CA GLY A 324 7.87 26.73 10.36
C GLY A 324 6.67 26.58 11.27
N TRP A 325 5.70 27.46 11.08
CA TRP A 325 4.52 27.42 11.90
C TRP A 325 3.70 26.14 11.71
N LEU A 326 2.87 25.83 12.69
CA LEU A 326 1.87 24.80 12.52
C LEU A 326 1.03 25.11 11.26
N ASP A 327 0.75 24.06 10.47
CA ASP A 327 0.02 24.20 9.24
C ASP A 327 -1.18 23.28 9.29
N LEU A 328 -2.36 23.85 9.49
CA LEU A 328 -3.55 23.03 9.63
C LEU A 328 -4.21 22.72 8.29
N VAL A 329 -3.76 23.37 7.22
CA VAL A 329 -4.19 22.95 5.89
C VAL A 329 -3.57 21.57 5.63
N VAL A 330 -2.27 21.46 5.89
CA VAL A 330 -1.62 20.16 5.87
C VAL A 330 -2.34 19.16 6.77
N MET A 331 -2.68 19.54 7.99
CA MET A 331 -3.29 18.60 8.92
C MET A 331 -4.70 18.17 8.52
N LYS A 332 -5.47 19.04 7.88
CA LYS A 332 -6.81 18.69 7.35
C LYS A 332 -6.67 17.60 6.27
N TYR A 333 -5.70 17.78 5.40
CA TYR A 333 -5.44 16.84 4.34
C TYR A 333 -5.00 15.51 4.94
N SER A 334 -4.08 15.57 5.89
CA SER A 334 -3.56 14.41 6.58
C SER A 334 -4.68 13.62 7.26
N THR A 335 -5.59 14.34 7.89
CA THR A 335 -6.75 13.74 8.56
C THR A 335 -7.73 13.08 7.58
N MET A 336 -7.95 13.72 6.44
CA MET A 336 -8.78 13.17 5.37
C MET A 336 -8.29 11.79 4.96
N ILE A 337 -7.00 11.67 4.74
CA ILE A 337 -6.41 10.44 4.24
C ILE A 337 -6.34 9.35 5.32
N ASN A 338 -5.95 9.73 6.52
CA ASN A 338 -5.68 8.72 7.54
C ASN A 338 -6.85 8.43 8.48
N GLY A 339 -7.82 9.35 8.58
CA GLY A 339 -9.00 9.10 9.38
C GLY A 339 -8.73 8.96 10.88
N TYR A 340 -7.93 9.89 11.43
CA TYR A 340 -7.54 9.83 12.83
C TYR A 340 -8.75 9.75 13.75
N THR A 341 -8.68 8.87 14.74
CA THR A 341 -9.68 8.79 15.79
C THR A 341 -9.37 9.74 16.96
N SER A 342 -8.11 10.13 17.11
CA SER A 342 -7.71 11.19 18.02
C SER A 342 -6.31 11.65 17.65
N LEU A 343 -5.84 12.70 18.30
CA LEU A 343 -4.54 13.30 18.02
C LEU A 343 -3.63 13.30 19.23
N ASN A 344 -2.34 13.21 18.94
CA ASN A 344 -1.27 13.43 19.91
C ASN A 344 -0.52 14.66 19.51
N LEU A 345 -0.73 15.76 20.25
CA LEU A 345 -0.06 17.03 20.00
C LEU A 345 1.26 17.04 20.74
N THR A 346 2.37 17.10 20.00
CA THR A 346 3.69 16.97 20.57
C THR A 346 4.48 18.28 20.57
N LYS A 347 5.48 18.33 21.45
CA LYS A 347 6.39 19.45 21.59
C LYS A 347 5.66 20.74 21.82
N LEU A 348 4.56 20.69 22.55
CA LEU A 348 3.83 21.92 22.83
C LEU A 348 4.71 22.86 23.67
N ASP A 349 5.59 22.30 24.50
CA ASP A 349 6.51 23.07 25.33
C ASP A 349 7.47 23.94 24.53
N VAL A 350 7.70 23.59 23.26
CA VAL A 350 8.64 24.34 22.44
C VAL A 350 8.09 25.74 22.15
N LEU A 351 6.79 25.91 22.32
CA LEU A 351 6.16 27.22 22.12
C LEU A 351 6.03 28.04 23.41
N ASP A 352 6.58 27.52 24.52
CA ASP A 352 6.39 28.16 25.83
C ASP A 352 6.90 29.58 25.92
N GLY A 353 7.84 29.96 25.06
CA GLY A 353 8.44 31.29 25.10
C GLY A 353 7.90 32.26 24.06
N PHE A 354 6.97 31.80 23.23
CA PHE A 354 6.44 32.65 22.16
C PHE A 354 5.36 33.61 22.67
N GLU A 355 5.46 34.87 22.27
CA GLU A 355 4.48 35.90 22.61
C GLU A 355 3.21 35.77 21.77
N GLU A 356 3.42 35.47 20.47
CA GLU A 356 2.35 35.21 19.53
C GLU A 356 2.72 33.97 18.73
N ILE A 357 1.71 33.20 18.34
CA ILE A 357 1.92 31.97 17.58
C ILE A 357 1.00 31.96 16.37
N LYS A 358 1.58 31.86 15.18
CA LYS A 358 0.79 31.80 13.95
C LYS A 358 0.48 30.35 13.58
N VAL A 359 -0.71 30.16 13.03
CA VAL A 359 -1.18 28.86 12.59
C VAL A 359 -1.82 29.01 11.22
N ALA A 360 -1.32 28.26 10.23
CA ALA A 360 -1.91 28.35 8.88
C ALA A 360 -3.27 27.69 8.87
N THR A 361 -4.26 28.44 8.38
CA THR A 361 -5.64 27.97 8.33
C THR A 361 -6.17 27.88 6.91
N GLY A 362 -5.47 28.48 5.96
CA GLY A 362 -5.95 28.47 4.59
C GLY A 362 -4.84 28.72 3.58
N TYR A 363 -5.03 28.17 2.38
CA TYR A 363 -4.19 28.47 1.21
C TYR A 363 -5.03 29.16 0.14
N LYS A 364 -4.45 30.18 -0.49
CA LYS A 364 -5.04 30.79 -1.67
C LYS A 364 -4.04 30.76 -2.80
N ILE A 365 -4.54 30.48 -4.01
CA ILE A 365 -3.76 30.64 -5.23
C ILE A 365 -4.54 31.57 -6.14
N ASP A 366 -3.88 32.63 -6.56
CA ASP A 366 -4.47 33.62 -7.43
C ASP A 366 -5.80 34.10 -6.85
N GLY A 367 -5.78 34.37 -5.55
CA GLY A 367 -6.94 34.92 -4.86
C GLY A 367 -8.01 33.92 -4.48
N VAL A 368 -7.90 32.70 -5.00
CA VAL A 368 -8.90 31.67 -4.77
C VAL A 368 -8.45 30.64 -3.73
N GLU A 369 -9.37 30.25 -2.86
CA GLU A 369 -9.10 29.27 -1.82
C GLU A 369 -8.80 27.91 -2.46
N VAL A 370 -7.58 27.44 -2.24
CA VAL A 370 -7.23 26.07 -2.58
C VAL A 370 -8.02 25.15 -1.68
N GLU A 371 -8.61 24.10 -2.23
CA GLU A 371 -9.24 23.09 -1.40
C GLU A 371 -8.33 21.87 -1.38
N GLY A 372 -8.11 21.35 -0.19
CA GLY A 372 -7.15 20.28 0.00
C GLY A 372 -5.73 20.78 -0.16
N PHE A 373 -4.84 19.84 -0.46
CA PHE A 373 -3.41 20.12 -0.57
C PHE A 373 -3.00 19.82 -2.00
N PRO A 374 -2.28 20.75 -2.66
CA PRO A 374 -2.02 20.57 -4.09
C PRO A 374 -0.95 19.52 -4.42
N ALA A 375 -1.26 18.67 -5.39
CA ALA A 375 -0.34 17.65 -5.89
C ALA A 375 0.80 18.28 -6.68
N ASP A 376 0.55 19.41 -7.32
CA ASP A 376 1.54 20.09 -8.15
C ASP A 376 2.38 21.02 -7.29
N LEU A 377 3.68 20.80 -7.25
CA LEU A 377 4.55 21.57 -6.35
C LEU A 377 4.79 22.96 -6.86
N ASP A 378 4.56 23.21 -8.14
CA ASP A 378 4.66 24.57 -8.62
C ASP A 378 3.44 25.37 -8.14
N ARG A 379 2.28 24.72 -8.05
CA ARG A 379 1.14 25.37 -7.45
C ARG A 379 1.37 25.57 -5.95
N LEU A 380 1.93 24.56 -5.29
CA LEU A 380 2.24 24.67 -3.86
C LEU A 380 3.18 25.85 -3.60
N ALA A 381 4.13 26.05 -4.51
CA ALA A 381 5.10 27.14 -4.38
C ALA A 381 4.42 28.51 -4.44
N LYS A 382 3.27 28.58 -5.10
CA LYS A 382 2.54 29.84 -5.30
C LYS A 382 1.58 30.21 -4.18
N VAL A 383 1.40 29.31 -3.22
CA VAL A 383 0.34 29.47 -2.22
C VAL A 383 0.55 30.73 -1.40
N GLU A 384 -0.55 31.45 -1.19
CA GLU A 384 -0.60 32.55 -0.24
C GLU A 384 -1.23 32.00 1.03
N VAL A 385 -0.46 31.98 2.11
CA VAL A 385 -0.90 31.35 3.35
C VAL A 385 -1.70 32.33 4.19
N GLN A 386 -2.89 31.88 4.60
CA GLN A 386 -3.71 32.61 5.57
C GLN A 386 -3.42 32.10 6.97
N TYR A 387 -3.09 33.02 7.87
CA TYR A 387 -2.74 32.67 9.25
C TYR A 387 -3.74 33.19 10.27
N ALA A 388 -3.98 32.36 11.30
CA ALA A 388 -4.53 32.85 12.56
C ALA A 388 -3.34 33.17 13.44
N THR A 389 -3.47 34.23 14.24
CA THR A 389 -2.48 34.57 15.25
C THR A 389 -3.09 34.41 16.64
N LEU A 390 -2.50 33.50 17.42
CA LEU A 390 -2.96 33.16 18.76
C LEU A 390 -1.98 33.70 19.79
N PRO A 391 -2.50 34.11 20.94
CA PRO A 391 -1.62 34.61 22.00
C PRO A 391 -0.87 33.49 22.69
N GLY A 392 0.39 33.74 23.02
CA GLY A 392 1.18 32.76 23.74
C GLY A 392 0.79 32.66 25.20
N TRP A 393 1.30 31.64 25.86
CA TRP A 393 1.10 31.47 27.29
C TRP A 393 2.31 31.93 28.10
N LYS A 394 3.50 31.95 27.51
CA LYS A 394 4.71 32.45 28.17
C LYS A 394 4.90 31.87 29.57
N THR A 395 4.76 30.56 29.65
CA THR A 395 4.97 29.86 30.89
C THR A 395 5.47 28.46 30.55
N ASP A 396 6.26 27.91 31.47
CA ASP A 396 6.85 26.58 31.31
C ASP A 396 5.80 25.52 31.64
N ILE A 397 5.41 24.73 30.64
CA ILE A 397 4.38 23.71 30.83
C ILE A 397 4.97 22.31 30.98
N SER A 398 6.30 22.20 31.02
CA SER A 398 6.94 20.89 30.89
C SER A 398 6.78 20.00 32.12
N ASN A 399 6.35 20.58 33.24
CA ASN A 399 6.05 19.79 34.44
C ASN A 399 4.56 19.55 34.63
N CYS A 400 3.75 19.96 33.65
CA CYS A 400 2.32 19.69 33.68
C CYS A 400 2.06 18.21 33.50
N LYS A 401 1.22 17.66 34.36
CA LYS A 401 0.85 16.25 34.28
C LYS A 401 -0.65 16.09 34.09
N THR A 402 -1.41 17.18 34.24
CA THR A 402 -2.85 17.11 34.02
C THR A 402 -3.32 18.27 33.16
N TYR A 403 -4.41 18.05 32.43
CA TYR A 403 -4.94 19.05 31.52
C TYR A 403 -5.31 20.34 32.26
N GLU A 404 -5.87 20.22 33.44
CA GLU A 404 -6.30 21.39 34.20
C GLU A 404 -5.15 22.34 34.51
N GLU A 405 -3.94 21.78 34.64
CA GLU A 405 -2.73 22.56 34.94
C GLU A 405 -2.29 23.46 33.80
N PHE A 406 -2.68 23.14 32.57
CA PHE A 406 -2.28 23.96 31.43
C PHE A 406 -2.70 25.40 31.61
N PRO A 407 -1.86 26.34 31.17
CA PRO A 407 -2.27 27.75 31.12
C PRO A 407 -3.40 27.95 30.13
N GLU A 408 -4.22 28.98 30.32
CA GLU A 408 -5.41 29.16 29.50
C GLU A 408 -5.07 29.21 28.02
N ASN A 409 -4.00 29.89 27.64
CA ASN A 409 -3.73 30.04 26.21
C ASN A 409 -3.15 28.78 25.57
N ALA A 410 -2.58 27.88 26.36
CA ALA A 410 -2.20 26.56 25.84
C ALA A 410 -3.46 25.74 25.61
N LYS A 411 -4.40 25.81 26.55
CA LYS A 411 -5.70 25.18 26.37
C LYS A 411 -6.38 25.69 25.10
N ALA A 412 -6.27 26.99 24.86
CA ALA A 412 -6.91 27.61 23.70
C ALA A 412 -6.25 27.12 22.41
N TYR A 413 -4.94 26.92 22.44
CA TYR A 413 -4.20 26.41 21.28
C TYR A 413 -4.72 25.01 20.93
N ILE A 414 -4.80 24.16 21.94
CA ILE A 414 -5.33 22.81 21.77
C ILE A 414 -6.72 22.83 21.17
N LYS A 415 -7.60 23.65 21.74
CA LYS A 415 -8.98 23.70 21.32
C LYS A 415 -9.09 24.22 19.89
N PHE A 416 -8.25 25.20 19.55
CA PHE A 416 -8.25 25.75 18.18
C PHE A 416 -7.98 24.66 17.15
N ILE A 417 -6.97 23.84 17.43
CA ILE A 417 -6.61 22.71 16.58
C ILE A 417 -7.76 21.71 16.48
N GLU A 418 -8.34 21.35 17.62
CA GLU A 418 -9.48 20.42 17.65
C GLU A 418 -10.64 20.90 16.82
N ASP A 419 -10.96 22.17 16.99
CA ASP A 419 -12.17 22.69 16.39
C ASP A 419 -11.98 22.78 14.88
N TYR A 420 -10.77 23.13 14.46
CA TYR A 420 -10.47 23.25 13.05
C TYR A 420 -10.50 21.89 12.36
N LEU A 421 -9.93 20.87 13.00
CA LEU A 421 -9.78 19.56 12.36
C LEU A 421 -10.94 18.61 12.61
N GLY A 422 -11.72 18.88 13.64
CA GLY A 422 -12.83 17.99 13.95
C GLY A 422 -12.40 16.67 14.59
N VAL A 423 -11.21 16.66 15.17
CA VAL A 423 -10.64 15.48 15.84
C VAL A 423 -10.11 15.96 17.17
N LYS A 424 -10.39 15.23 18.26
CA LYS A 424 -9.96 15.63 19.60
C LYS A 424 -8.49 15.31 19.87
N VAL A 425 -7.87 16.15 20.66
CA VAL A 425 -6.50 15.90 21.12
C VAL A 425 -6.57 15.10 22.40
N GLN A 426 -6.00 13.91 22.34
CA GLN A 426 -6.06 12.96 23.45
C GLN A 426 -4.80 12.96 24.30
N TYR A 427 -3.65 13.25 23.67
CA TYR A 427 -2.35 13.19 24.32
C TYR A 427 -1.58 14.42 23.96
N VAL A 428 -0.95 15.03 24.96
CA VAL A 428 -0.08 16.19 24.73
C VAL A 428 1.35 15.93 25.25
N GLY A 429 2.33 16.16 24.38
CA GLY A 429 3.73 16.06 24.74
C GLY A 429 4.20 17.42 25.23
N VAL A 430 4.81 17.46 26.41
CA VAL A 430 5.28 18.72 26.99
C VAL A 430 6.78 18.67 27.35
N GLY A 431 7.48 17.66 26.85
CA GLY A 431 8.90 17.53 27.10
C GLY A 431 9.43 16.24 26.53
N PRO A 432 10.76 16.12 26.45
CA PRO A 432 11.41 14.93 25.89
C PRO A 432 11.44 13.73 26.82
N GLY A 433 11.25 13.95 28.12
CA GLY A 433 11.32 12.88 29.09
C GLY A 433 10.20 11.88 28.93
N ARG A 434 10.43 10.65 29.38
CA ARG A 434 9.49 9.57 29.17
C ARG A 434 8.07 9.86 29.67
N ASP A 435 7.97 10.58 30.76
CA ASP A 435 6.69 10.83 31.42
C ASP A 435 6.19 12.27 31.26
N GLN A 436 6.78 13.02 30.35
CA GLN A 436 6.36 14.41 30.12
C GLN A 436 5.23 14.42 29.10
N ASN A 437 4.10 13.89 29.54
CA ASN A 437 2.88 13.78 28.75
C ASN A 437 1.70 14.13 29.60
N VAL A 438 0.68 14.65 28.94
CA VAL A 438 -0.63 14.83 29.55
C VAL A 438 -1.64 14.01 28.76
N ILE A 439 -2.34 13.12 29.45
CA ILE A 439 -3.39 12.32 28.85
C ILE A 439 -4.71 12.99 29.17
N ILE A 440 -5.42 13.47 28.13
CA ILE A 440 -6.63 14.26 28.36
C ILE A 440 -7.85 13.36 28.58
N PHE A 441 -7.91 12.24 27.87
CA PHE A 441 -9.00 11.29 28.07
C PHE A 441 -8.62 9.87 27.63
N SER B 15 -27.48 -1.75 -0.67
CA SER B 15 -26.11 -1.24 -0.60
C SER B 15 -25.99 -0.15 0.46
N PRO B 16 -25.04 -0.31 1.39
CA PRO B 16 -24.86 0.73 2.42
C PRO B 16 -24.18 2.00 1.92
N GLU B 17 -24.38 3.12 2.60
CA GLU B 17 -23.55 4.28 2.34
C GLU B 17 -22.12 3.86 2.58
N GLY B 18 -21.19 4.41 1.81
CA GLY B 18 -19.79 4.09 1.98
C GLY B 18 -19.31 3.18 0.87
N VAL B 19 -18.23 2.44 1.14
CA VAL B 19 -17.52 1.74 0.08
C VAL B 19 -17.88 0.26 0.06
N THR B 20 -18.29 -0.20 -1.12
CA THR B 20 -18.39 -1.62 -1.46
C THR B 20 -17.27 -1.95 -2.44
N VAL B 21 -16.52 -2.99 -2.12
CA VAL B 21 -15.37 -3.39 -2.90
C VAL B 21 -15.63 -4.73 -3.56
N VAL B 22 -15.28 -4.82 -4.84
CA VAL B 22 -15.26 -6.08 -5.57
C VAL B 22 -13.81 -6.46 -5.85
N LEU B 23 -13.37 -7.60 -5.29
CA LEU B 23 -11.99 -8.03 -5.42
C LEU B 23 -11.89 -9.38 -6.10
N GLY B 24 -10.88 -9.56 -6.94
CA GLY B 24 -10.61 -10.88 -7.50
C GLY B 24 -9.93 -11.74 -6.47
N ALA B 25 -10.40 -12.99 -6.32
CA ALA B 25 -9.92 -13.82 -5.21
C ALA B 25 -8.80 -14.78 -5.62
N GLN B 26 -8.63 -15.05 -6.91
CA GLN B 26 -7.68 -16.06 -7.35
C GLN B 26 -6.53 -15.42 -8.16
N TRP B 27 -6.38 -15.75 -9.45
CA TRP B 27 -5.32 -15.16 -10.29
C TRP B 27 -5.95 -14.41 -11.48
N GLY B 28 -7.09 -13.75 -11.25
CA GLY B 28 -7.66 -12.86 -12.23
C GLY B 28 -8.68 -13.51 -13.14
N ASP B 29 -9.33 -12.68 -13.96
CA ASP B 29 -10.31 -13.15 -14.95
C ASP B 29 -11.46 -13.91 -14.31
N GLU B 30 -11.79 -13.56 -13.06
CA GLU B 30 -12.87 -14.24 -12.34
C GLU B 30 -14.26 -13.78 -12.77
N GLY B 31 -14.39 -12.55 -13.25
CA GLY B 31 -15.68 -11.96 -13.61
C GLY B 31 -16.02 -10.72 -12.78
N LYS B 32 -15.00 -9.98 -12.37
CA LYS B 32 -15.20 -8.76 -11.61
C LYS B 32 -15.99 -7.70 -12.37
N GLY B 33 -15.63 -7.50 -13.63
CA GLY B 33 -16.28 -6.48 -14.44
C GLY B 33 -17.77 -6.69 -14.52
N LYS B 34 -18.16 -7.94 -14.72
CA LYS B 34 -19.57 -8.30 -14.78
C LYS B 34 -20.30 -7.92 -13.48
N LEU B 35 -19.71 -8.23 -12.33
CA LEU B 35 -20.37 -7.95 -11.06
C LEU B 35 -20.43 -6.43 -10.82
N VAL B 36 -19.38 -5.72 -11.19
CA VAL B 36 -19.35 -4.26 -11.07
C VAL B 36 -20.45 -3.62 -11.91
N ASP B 37 -20.67 -4.09 -13.13
CA ASP B 37 -21.74 -3.55 -13.96
C ASP B 37 -23.10 -3.75 -13.27
N ILE B 38 -23.27 -4.92 -12.66
CA ILE B 38 -24.50 -5.18 -11.91
C ILE B 38 -24.67 -4.25 -10.71
N LEU B 39 -23.65 -4.16 -9.86
CA LEU B 39 -23.76 -3.43 -8.62
C LEU B 39 -23.70 -1.92 -8.83
N ALA B 40 -23.17 -1.49 -9.97
CA ALA B 40 -23.07 -0.06 -10.25
C ALA B 40 -24.45 0.59 -10.42
N ALA B 41 -25.48 -0.21 -10.66
CA ALA B 41 -26.84 0.32 -10.73
C ALA B 41 -27.21 0.99 -9.39
N GLU B 42 -26.56 0.57 -8.31
CA GLU B 42 -26.86 1.03 -6.95
C GLU B 42 -25.76 1.92 -6.37
N ALA B 43 -24.82 2.33 -7.22
CA ALA B 43 -23.70 3.15 -6.78
C ALA B 43 -23.76 4.53 -7.38
N ASP B 44 -23.24 5.51 -6.65
CA ASP B 44 -23.11 6.86 -7.17
C ASP B 44 -21.80 7.02 -7.92
N ILE B 45 -20.77 6.33 -7.42
CA ILE B 45 -19.43 6.40 -7.98
C ILE B 45 -18.87 5.00 -8.12
N CYS B 46 -18.20 4.77 -9.24
CA CYS B 46 -17.47 3.54 -9.51
C CYS B 46 -16.00 3.89 -9.68
N ALA B 47 -15.11 3.24 -8.93
CA ALA B 47 -13.70 3.63 -8.89
C ALA B 47 -12.74 2.50 -9.15
N ARG B 48 -11.65 2.84 -9.82
CA ARG B 48 -10.44 2.01 -9.89
C ARG B 48 -9.44 2.56 -8.88
N CYS B 49 -8.77 1.70 -8.14
CA CYS B 49 -7.86 2.14 -7.08
C CYS B 49 -6.41 1.81 -7.36
N ALA B 50 -6.14 0.80 -8.17
CA ALA B 50 -4.76 0.40 -8.45
C ALA B 50 -4.70 -0.41 -9.71
N GLY B 51 -3.49 -0.75 -10.14
CA GLY B 51 -3.29 -1.46 -11.38
C GLY B 51 -3.31 -0.54 -12.58
N GLY B 52 -3.27 -1.12 -13.78
CA GLY B 52 -3.31 -0.39 -15.01
C GLY B 52 -4.34 -0.94 -15.96
N ASN B 53 -4.03 -0.99 -17.25
CA ASN B 53 -5.03 -1.41 -18.24
C ASN B 53 -5.03 -2.92 -18.54
N ASN B 54 -6.01 -3.61 -17.97
CA ASN B 54 -6.26 -5.01 -18.29
C ASN B 54 -7.77 -5.26 -18.35
N ALA B 55 -8.19 -6.11 -19.29
CA ALA B 55 -9.56 -6.04 -19.86
C ALA B 55 -10.67 -6.82 -19.14
N GLY B 56 -11.89 -6.29 -19.27
CA GLY B 56 -13.08 -6.88 -18.68
C GLY B 56 -14.27 -6.72 -19.61
N HIS B 57 -15.20 -7.67 -19.56
CA HIS B 57 -16.37 -7.69 -20.44
C HIS B 57 -17.68 -7.70 -19.66
N ALA B 72 -16.55 -3.08 -23.20
CA ALA B 72 -15.23 -2.60 -23.61
C ALA B 72 -14.56 -1.70 -22.55
N PHE B 73 -14.15 -2.27 -21.41
CA PHE B 73 -13.46 -1.50 -20.36
C PHE B 73 -12.09 -2.10 -20.03
N ASN B 74 -11.11 -1.22 -19.82
CA ASN B 74 -9.76 -1.64 -19.48
C ASN B 74 -9.25 -0.86 -18.29
N LEU B 75 -9.10 0.45 -18.49
CA LEU B 75 -8.71 1.37 -17.42
C LEU B 75 -9.94 1.98 -16.79
N LEU B 76 -10.97 2.23 -17.58
CA LEU B 76 -12.16 2.86 -17.07
C LEU B 76 -12.93 1.88 -16.18
N PRO B 77 -13.47 2.36 -15.05
CA PRO B 77 -14.33 1.56 -14.17
C PRO B 77 -15.50 0.99 -14.96
N SER B 78 -15.78 -0.30 -14.77
CA SER B 78 -16.79 -1.00 -15.56
C SER B 78 -18.24 -0.64 -15.21
N GLY B 79 -18.44 0.39 -14.40
CA GLY B 79 -19.78 0.76 -13.97
C GLY B 79 -20.44 1.80 -14.86
N LEU B 80 -19.77 2.22 -15.92
CA LEU B 80 -20.23 3.37 -16.70
C LEU B 80 -21.47 3.11 -17.56
N ILE B 81 -21.91 1.87 -17.69
CA ILE B 81 -23.14 1.61 -18.44
C ILE B 81 -24.34 2.17 -17.66
N ASN B 82 -24.25 2.22 -16.32
CA ASN B 82 -25.24 2.99 -15.53
C ASN B 82 -25.07 4.44 -15.88
N PRO B 83 -26.07 5.02 -16.56
CA PRO B 83 -25.96 6.39 -17.04
C PRO B 83 -25.65 7.42 -15.99
N GLU B 84 -26.04 7.14 -14.76
CA GLU B 84 -25.89 8.14 -13.71
C GLU B 84 -24.69 7.91 -12.81
N CYS B 85 -23.94 6.84 -13.08
CA CYS B 85 -22.77 6.51 -12.26
C CYS B 85 -21.57 7.33 -12.71
N THR B 86 -20.86 7.91 -11.75
CA THR B 86 -19.64 8.65 -12.02
C THR B 86 -18.43 7.72 -11.88
N ALA B 87 -17.51 7.80 -12.83
CA ALA B 87 -16.31 6.97 -12.78
C ALA B 87 -15.13 7.78 -12.22
N PHE B 88 -14.33 7.14 -11.39
CA PHE B 88 -13.16 7.77 -10.77
C PHE B 88 -11.95 6.86 -10.85
N ILE B 89 -10.84 7.42 -11.34
CA ILE B 89 -9.55 6.73 -11.38
C ILE B 89 -8.69 7.29 -10.25
N GLY B 90 -8.38 6.43 -9.28
CA GLY B 90 -7.68 6.82 -8.07
C GLY B 90 -6.17 7.04 -8.23
N SER B 91 -5.55 7.54 -7.17
CA SER B 91 -4.13 7.89 -7.21
C SER B 91 -3.23 6.68 -7.33
N GLY B 92 -3.73 5.51 -6.95
CA GLY B 92 -2.94 4.29 -6.96
C GLY B 92 -2.78 3.61 -8.31
N VAL B 93 -3.47 4.12 -9.32
CA VAL B 93 -3.50 3.55 -10.67
C VAL B 93 -2.29 4.02 -11.47
N VAL B 94 -1.88 3.23 -12.47
CA VAL B 94 -0.92 3.71 -13.47
C VAL B 94 -1.68 3.77 -14.79
N VAL B 95 -1.59 4.92 -15.45
CA VAL B 95 -2.42 5.26 -16.59
C VAL B 95 -1.60 5.43 -17.86
N HIS B 96 -1.90 4.63 -18.88
CA HIS B 96 -1.33 4.87 -20.22
C HIS B 96 -2.30 5.80 -20.91
N VAL B 97 -1.95 7.08 -20.99
CA VAL B 97 -2.93 8.08 -21.43
C VAL B 97 -3.47 7.85 -22.86
N PRO B 98 -2.62 7.45 -23.82
CA PRO B 98 -3.18 7.21 -25.16
C PRO B 98 -4.22 6.08 -25.17
N SER B 99 -3.99 5.05 -24.34
CA SER B 99 -4.94 3.95 -24.21
C SER B 99 -6.23 4.41 -23.54
N LEU B 100 -6.11 5.31 -22.56
CA LEU B 100 -7.29 5.82 -21.87
C LEU B 100 -8.24 6.46 -22.88
N PHE B 101 -7.70 7.27 -23.77
CA PHE B 101 -8.56 7.98 -24.70
C PHE B 101 -9.04 7.07 -25.84
N ASN B 102 -8.23 6.09 -26.23
CA ASN B 102 -8.71 5.14 -27.22
C ASN B 102 -9.95 4.44 -26.65
N GLU B 103 -9.85 4.03 -25.39
CA GLU B 103 -10.96 3.40 -24.67
C GLU B 103 -12.19 4.34 -24.59
N LEU B 104 -11.94 5.57 -24.19
CA LEU B 104 -13.01 6.54 -24.01
C LEU B 104 -13.69 6.85 -25.33
N ASP B 105 -12.87 7.12 -26.35
CA ASP B 105 -13.42 7.53 -27.63
C ASP B 105 -14.23 6.40 -28.26
N THR B 106 -13.80 5.17 -28.02
CA THR B 106 -14.55 4.04 -28.53
C THR B 106 -15.91 3.93 -27.83
N LEU B 107 -15.94 4.03 -26.50
CA LEU B 107 -17.20 3.99 -25.77
C LEU B 107 -18.20 5.05 -26.24
N GLU B 108 -17.68 6.24 -26.51
CA GLU B 108 -18.50 7.35 -26.94
C GLU B 108 -19.04 7.09 -28.34
N ARG B 109 -18.16 6.59 -29.21
CA ARG B 109 -18.53 6.20 -30.58
C ARG B 109 -19.66 5.18 -30.55
N LYS B 110 -19.68 4.32 -29.53
CA LYS B 110 -20.76 3.33 -29.39
C LYS B 110 -22.04 3.96 -28.87
N GLY B 111 -21.96 5.19 -28.36
CA GLY B 111 -23.14 5.91 -27.90
C GLY B 111 -23.18 6.18 -26.40
N LEU B 112 -22.17 5.75 -25.66
CA LEU B 112 -22.14 5.96 -24.22
C LEU B 112 -21.56 7.34 -23.88
N LYS B 113 -22.32 8.15 -23.16
CA LYS B 113 -21.85 9.48 -22.76
C LYS B 113 -21.00 9.33 -21.51
N VAL B 114 -19.69 9.40 -21.67
CA VAL B 114 -18.73 9.13 -20.59
C VAL B 114 -17.99 10.38 -20.15
N ALA B 115 -17.67 11.23 -21.12
CA ALA B 115 -16.73 12.33 -20.91
C ALA B 115 -17.06 13.25 -19.73
N GLY B 116 -18.35 13.50 -19.47
CA GLY B 116 -18.74 14.34 -18.36
C GLY B 116 -18.85 13.62 -17.03
N ARG B 117 -18.52 12.33 -17.03
CA ARG B 117 -18.77 11.46 -15.88
C ARG B 117 -17.52 10.76 -15.42
N LEU B 118 -16.36 11.28 -15.82
CA LEU B 118 -15.09 10.63 -15.55
C LEU B 118 -14.14 11.60 -14.88
N LEU B 119 -13.62 11.19 -13.73
CA LEU B 119 -12.66 11.98 -12.97
C LEU B 119 -11.40 11.15 -12.74
N VAL B 120 -10.25 11.81 -12.87
CA VAL B 120 -8.95 11.19 -12.77
C VAL B 120 -8.10 11.93 -11.76
N SER B 121 -7.59 11.21 -10.78
CA SER B 121 -6.70 11.79 -9.79
C SER B 121 -5.44 12.40 -10.39
N ASP B 122 -5.10 13.61 -9.98
CA ASP B 122 -3.91 14.24 -10.50
C ASP B 122 -2.62 13.61 -9.93
N ARG B 123 -2.77 12.63 -9.03
CA ARG B 123 -1.62 11.92 -8.49
C ARG B 123 -1.40 10.52 -9.09
N ALA B 124 -2.25 10.13 -10.02
CA ALA B 124 -2.05 8.86 -10.70
C ALA B 124 -0.77 8.95 -11.51
N HIS B 125 -0.02 7.83 -11.57
CA HIS B 125 1.20 7.79 -12.36
C HIS B 125 0.94 7.49 -13.83
N LEU B 126 1.88 7.92 -14.68
CA LEU B 126 1.79 7.79 -16.11
C LEU B 126 2.65 6.64 -16.63
N VAL B 127 2.01 5.73 -17.36
CA VAL B 127 2.72 4.71 -18.12
C VAL B 127 3.14 5.32 -19.45
N MET B 128 4.43 5.22 -19.74
CA MET B 128 4.99 5.71 -21.00
C MET B 128 5.24 4.59 -21.99
N GLY B 129 5.40 4.96 -23.25
CA GLY B 129 5.71 3.98 -24.27
C GLY B 129 6.95 3.17 -23.94
N PHE B 130 7.94 3.80 -23.35
CA PHE B 130 9.18 3.09 -23.09
C PHE B 130 9.03 2.10 -21.94
N HIS B 131 8.03 2.31 -21.09
CA HIS B 131 7.74 1.34 -20.03
C HIS B 131 7.29 0.02 -20.64
N GLN B 132 6.47 0.11 -21.69
CA GLN B 132 5.98 -1.08 -22.36
C GLN B 132 7.13 -1.80 -23.05
N ILE B 133 8.04 -1.06 -23.64
CA ILE B 133 9.18 -1.68 -24.31
C ILE B 133 10.09 -2.40 -23.32
N VAL B 134 10.46 -1.75 -22.23
CA VAL B 134 11.43 -2.38 -21.32
C VAL B 134 10.81 -3.52 -20.50
N ASP B 135 9.48 -3.52 -20.38
CA ASP B 135 8.76 -4.64 -19.80
C ASP B 135 9.13 -5.89 -20.59
N GLY B 136 8.97 -5.82 -21.91
CA GLY B 136 9.37 -6.91 -22.77
C GLY B 136 10.87 -7.18 -22.75
N LEU B 137 11.69 -6.14 -22.73
CA LEU B 137 13.14 -6.36 -22.74
C LEU B 137 13.57 -7.11 -21.49
N LYS B 138 12.99 -6.77 -20.35
CA LYS B 138 13.34 -7.45 -19.10
C LYS B 138 12.90 -8.90 -19.16
N GLU B 139 11.71 -9.13 -19.72
CA GLU B 139 11.18 -10.49 -19.82
C GLU B 139 12.11 -11.34 -20.67
N VAL B 140 12.65 -10.76 -21.75
CA VAL B 140 13.62 -11.49 -22.57
C VAL B 140 14.91 -11.72 -21.79
N GLU B 141 15.37 -10.70 -21.08
CA GLU B 141 16.58 -10.79 -20.27
C GLU B 141 16.46 -11.92 -19.24
N LEU B 142 15.24 -12.21 -18.79
CA LEU B 142 15.03 -13.25 -17.78
C LEU B 142 15.08 -14.66 -18.35
N GLY B 143 14.82 -14.80 -19.65
CA GLY B 143 14.85 -16.10 -20.29
C GLY B 143 13.81 -17.04 -19.69
N GLY B 144 14.25 -18.19 -19.21
CA GLY B 144 13.34 -19.17 -18.65
C GLY B 144 12.66 -18.70 -17.38
N SER B 145 13.24 -17.68 -16.75
CA SER B 145 12.71 -17.17 -15.48
C SER B 145 11.72 -16.01 -15.66
N SER B 146 11.22 -15.84 -16.87
CA SER B 146 10.30 -14.73 -17.14
C SER B 146 9.00 -14.91 -16.36
N ILE B 147 8.40 -13.79 -16.01
CA ILE B 147 7.17 -13.77 -15.23
C ILE B 147 5.95 -14.07 -16.08
N GLY B 148 6.01 -13.71 -17.36
CA GLY B 148 4.84 -13.77 -18.21
C GLY B 148 3.96 -12.54 -18.05
N THR B 149 4.59 -11.36 -17.97
CA THR B 149 3.82 -10.13 -17.82
C THR B 149 2.99 -9.86 -19.08
N THR B 150 2.05 -8.94 -18.95
CA THR B 150 1.17 -8.58 -20.06
C THR B 150 1.86 -7.61 -21.03
N ARG B 151 3.10 -7.25 -20.71
CA ARG B 151 3.89 -6.36 -21.58
C ARG B 151 3.24 -4.98 -21.79
N LYS B 152 2.46 -4.53 -20.81
CA LYS B 152 1.81 -3.22 -20.89
C LYS B 152 2.53 -2.15 -20.09
N GLY B 153 3.71 -2.49 -19.59
CA GLY B 153 4.56 -1.53 -18.91
C GLY B 153 4.18 -1.27 -17.47
N ILE B 154 3.36 -2.15 -16.88
CA ILE B 154 2.83 -1.89 -15.54
C ILE B 154 3.95 -1.98 -14.51
N GLY B 155 4.76 -3.02 -14.57
CA GLY B 155 5.85 -3.16 -13.63
C GLY B 155 6.84 -2.00 -13.70
N PRO B 156 7.32 -1.69 -14.91
CA PRO B 156 8.25 -0.56 -15.05
C PRO B 156 7.66 0.76 -14.55
N ALA B 157 6.36 0.98 -14.73
CA ALA B 157 5.75 2.20 -14.23
C ALA B 157 5.74 2.21 -12.70
N TYR B 158 5.43 1.07 -12.08
CA TYR B 158 5.42 1.02 -10.60
C TYR B 158 6.84 1.08 -10.03
N SER B 159 7.84 0.59 -10.77
CA SER B 159 9.21 0.67 -10.32
C SER B 159 9.69 2.12 -10.38
N SER B 160 9.31 2.84 -11.44
CA SER B 160 9.66 4.26 -11.55
C SER B 160 8.97 5.06 -10.44
N LYS B 161 7.75 4.66 -10.11
CA LYS B 161 7.03 5.30 -9.01
C LYS B 161 7.78 5.13 -7.70
N ALA B 162 8.15 3.90 -7.37
CA ALA B 162 8.92 3.64 -6.16
C ALA B 162 10.23 4.43 -6.14
N SER B 163 10.87 4.55 -7.29
CA SER B 163 12.12 5.31 -7.38
C SER B 163 11.93 6.80 -7.19
N ARG B 164 10.70 7.23 -7.44
CA ARG B 164 10.25 8.63 -7.44
C ARG B 164 10.80 9.41 -8.63
N SER B 165 11.21 8.68 -9.65
CA SER B 165 11.53 9.28 -10.95
C SER B 165 10.32 9.32 -11.88
N GLY B 166 9.28 8.55 -11.54
CA GLY B 166 8.09 8.48 -12.37
C GLY B 166 7.34 9.79 -12.49
N LEU B 167 6.57 9.93 -13.56
CA LEU B 167 5.79 11.13 -13.82
C LEU B 167 4.32 10.84 -13.54
N ARG B 168 3.61 11.86 -13.08
CA ARG B 168 2.23 11.74 -12.63
C ARG B 168 1.38 12.66 -13.49
N VAL B 169 0.07 12.50 -13.39
CA VAL B 169 -0.86 13.27 -14.20
C VAL B 169 -0.57 14.78 -14.15
N HIS B 170 -0.28 15.34 -12.96
CA HIS B 170 -0.04 16.78 -12.88
C HIS B 170 1.20 17.21 -13.68
N HIS B 171 2.15 16.29 -13.88
CA HIS B 171 3.33 16.64 -14.66
C HIS B 171 3.00 16.94 -16.12
N LEU B 172 1.84 16.52 -16.61
CA LEU B 172 1.46 16.81 -17.98
C LEU B 172 1.33 18.31 -18.26
N PHE B 173 1.23 19.12 -17.21
CA PHE B 173 1.08 20.57 -17.34
C PHE B 173 2.31 21.31 -16.82
N ASP B 174 3.36 20.55 -16.55
CA ASP B 174 4.61 21.03 -16.00
C ASP B 174 5.61 21.29 -17.13
N PRO B 175 6.18 22.50 -17.21
CA PRO B 175 7.06 22.77 -18.34
C PRO B 175 8.32 21.90 -18.36
N THR B 176 8.63 21.24 -17.24
CA THR B 176 9.79 20.36 -17.18
C THR B 176 9.48 18.93 -17.63
N PHE B 177 8.25 18.66 -18.04
CA PHE B 177 7.87 17.30 -18.45
C PHE B 177 8.79 16.76 -19.54
N PRO B 178 9.03 17.55 -20.60
CA PRO B 178 9.92 17.00 -21.63
C PRO B 178 11.33 16.65 -21.13
N ALA B 179 11.95 17.52 -20.35
CA ALA B 179 13.27 17.26 -19.83
C ALA B 179 13.26 16.02 -18.95
N LYS B 180 12.24 15.89 -18.11
CA LYS B 180 12.18 14.75 -17.20
C LYS B 180 11.94 13.46 -18.00
N PHE B 181 11.10 13.53 -19.02
CA PHE B 181 10.85 12.38 -19.89
C PHE B 181 12.14 11.89 -20.61
N ARG B 182 12.91 12.84 -21.14
CA ARG B 182 14.17 12.52 -21.79
C ARG B 182 15.13 11.82 -20.86
N LYS B 183 15.22 12.29 -19.62
CA LYS B 183 16.09 11.69 -18.62
C LYS B 183 15.63 10.27 -18.28
N LEU B 184 14.32 10.06 -18.19
CA LEU B 184 13.80 8.72 -17.94
C LEU B 184 14.25 7.75 -19.02
N VAL B 185 14.11 8.17 -20.28
CA VAL B 185 14.52 7.34 -21.42
C VAL B 185 16.01 7.04 -21.35
N GLU B 186 16.79 8.05 -21.02
CA GLU B 186 18.23 7.89 -20.92
C GLU B 186 18.59 6.81 -19.91
N GLY B 187 17.88 6.80 -18.78
CA GLY B 187 18.10 5.79 -17.76
C GLY B 187 17.76 4.38 -18.23
N ARG B 188 16.66 4.24 -18.98
CA ARG B 188 16.31 2.94 -19.53
C ARG B 188 17.36 2.46 -20.56
N PHE B 189 17.90 3.37 -21.36
CA PHE B 189 18.99 3.02 -22.28
C PHE B 189 20.21 2.49 -21.52
N LYS B 190 20.53 3.12 -20.39
CA LYS B 190 21.66 2.64 -19.59
C LYS B 190 21.43 1.21 -19.15
N ARG B 191 20.24 0.94 -18.64
CA ARG B 191 19.92 -0.36 -18.05
C ARG B 191 19.76 -1.46 -19.09
N TYR B 192 19.10 -1.15 -20.21
CA TYR B 192 18.70 -2.18 -21.16
C TYR B 192 19.39 -2.07 -22.51
N GLY B 193 20.22 -1.05 -22.66
CA GLY B 193 20.85 -0.76 -23.93
C GLY B 193 19.91 -0.03 -24.87
N HIS B 194 20.45 0.34 -26.03
CA HIS B 194 19.72 1.06 -27.05
C HIS B 194 18.48 0.29 -27.46
N PHE B 195 17.38 1.02 -27.62
CA PHE B 195 16.25 0.46 -28.33
C PHE B 195 15.59 1.59 -29.11
N GLU B 196 14.87 1.24 -30.16
CA GLU B 196 14.23 2.24 -31.01
C GLU B 196 13.05 2.83 -30.28
N PHE B 197 13.03 4.16 -30.21
CA PHE B 197 11.99 4.88 -29.49
C PHE B 197 11.99 6.33 -29.91
N ASP B 198 10.85 6.80 -30.41
CA ASP B 198 10.73 8.19 -30.87
C ASP B 198 10.42 9.10 -29.68
N THR B 199 11.47 9.46 -28.95
CA THR B 199 11.30 10.21 -27.71
C THR B 199 10.54 11.52 -27.93
N GLU B 200 10.94 12.29 -28.93
CA GLU B 200 10.35 13.61 -29.13
C GLU B 200 8.92 13.51 -29.64
N GLY B 201 8.67 12.51 -30.48
CA GLY B 201 7.34 12.23 -30.97
C GLY B 201 6.38 11.84 -29.85
N GLU B 202 6.88 11.03 -28.91
CA GLU B 202 6.05 10.59 -27.80
C GLU B 202 5.72 11.74 -26.86
N ILE B 203 6.69 12.62 -26.63
CA ILE B 203 6.46 13.76 -25.77
C ILE B 203 5.36 14.60 -26.38
N GLU B 204 5.51 14.91 -27.67
CA GLU B 204 4.54 15.74 -28.38
C GLU B 204 3.13 15.18 -28.26
N MET B 205 3.01 13.88 -28.45
CA MET B 205 1.73 13.22 -28.38
C MET B 205 1.12 13.30 -26.99
N TYR B 206 1.93 13.09 -25.96
CA TYR B 206 1.39 13.09 -24.60
C TYR B 206 0.86 14.45 -24.18
N LEU B 207 1.58 15.49 -24.55
CA LEU B 207 1.18 16.83 -24.20
C LEU B 207 -0.10 17.17 -24.97
N ALA B 208 -0.28 16.56 -26.14
CA ALA B 208 -1.49 16.80 -26.91
C ALA B 208 -2.68 16.20 -26.18
N PHE B 209 -2.49 15.01 -25.62
CA PHE B 209 -3.56 14.40 -24.85
C PHE B 209 -3.85 15.15 -23.57
N ALA B 210 -2.85 15.89 -23.07
CA ALA B 210 -3.01 16.61 -21.81
C ALA B 210 -4.17 17.59 -21.89
N GLU B 211 -4.35 18.20 -23.06
CA GLU B 211 -5.41 19.18 -23.23
C GLU B 211 -6.77 18.51 -23.13
N ARG B 212 -6.87 17.29 -23.66
CA ARG B 212 -8.10 16.52 -23.55
C ARG B 212 -8.33 15.99 -22.14
N LEU B 213 -7.27 15.73 -21.40
CA LEU B 213 -7.39 15.18 -20.08
C LEU B 213 -7.79 16.22 -19.03
N ARG B 214 -7.41 17.47 -19.29
CA ARG B 214 -7.54 18.56 -18.32
C ARG B 214 -8.89 18.59 -17.60
N PRO B 215 -10.01 18.51 -18.34
CA PRO B 215 -11.30 18.64 -17.64
C PRO B 215 -11.64 17.48 -16.70
N PHE B 216 -10.95 16.35 -16.86
CA PHE B 216 -11.25 15.18 -16.06
C PHE B 216 -10.49 15.22 -14.75
N ILE B 217 -9.48 16.08 -14.65
CA ILE B 217 -8.55 15.99 -13.52
C ILE B 217 -9.13 16.56 -12.23
N VAL B 218 -8.93 15.81 -11.15
CA VAL B 218 -9.37 16.25 -9.83
C VAL B 218 -8.32 15.94 -8.78
N ASP B 219 -8.45 16.63 -7.64
CA ASP B 219 -7.75 16.25 -6.44
C ASP B 219 -8.47 15.04 -5.87
N GLY B 220 -7.82 13.88 -5.94
CA GLY B 220 -8.47 12.62 -5.57
C GLY B 220 -8.91 12.56 -4.12
N PRO B 221 -8.03 12.90 -3.19
CA PRO B 221 -8.40 12.81 -1.78
C PRO B 221 -9.64 13.64 -1.43
N THR B 222 -9.71 14.87 -1.90
CA THR B 222 -10.88 15.69 -1.54
C THR B 222 -12.13 15.18 -2.26
N PHE B 223 -11.97 14.72 -3.50
CA PHE B 223 -13.11 14.19 -4.24
C PHE B 223 -13.76 13.04 -3.48
N MET B 224 -12.96 12.09 -3.05
CA MET B 224 -13.48 10.92 -2.38
C MET B 224 -13.96 11.28 -0.98
N HIS B 225 -13.29 12.22 -0.31
CA HIS B 225 -13.70 12.55 1.03
C HIS B 225 -15.07 13.23 1.01
N ASN B 226 -15.25 14.15 0.06
CA ASN B 226 -16.52 14.83 -0.13
C ASN B 226 -17.64 13.83 -0.44
N ALA B 227 -17.36 12.84 -1.29
CA ALA B 227 -18.34 11.84 -1.66
C ALA B 227 -18.77 11.07 -0.41
N LEU B 228 -17.79 10.61 0.37
CA LEU B 228 -18.10 9.81 1.54
C LEU B 228 -18.84 10.62 2.59
N SER B 229 -18.42 11.86 2.81
CA SER B 229 -19.08 12.76 3.77
C SER B 229 -20.51 13.06 3.41
N SER B 230 -20.82 13.01 2.12
CA SER B 230 -22.15 13.35 1.60
C SER B 230 -23.11 12.17 1.62
N GLY B 231 -22.63 11.02 2.08
CA GLY B 231 -23.43 9.82 2.12
C GLY B 231 -23.50 9.05 0.82
N LYS B 232 -22.54 9.26 -0.08
CA LYS B 232 -22.57 8.57 -1.38
C LYS B 232 -22.19 7.10 -1.23
N ARG B 233 -22.68 6.32 -2.18
CA ARG B 233 -22.34 4.91 -2.30
C ARG B 233 -21.26 4.76 -3.35
N VAL B 234 -20.11 4.21 -2.93
CA VAL B 234 -18.93 4.10 -3.78
C VAL B 234 -18.62 2.63 -3.99
N LEU B 235 -18.54 2.25 -5.26
CA LEU B 235 -18.27 0.90 -5.65
C LEU B 235 -16.88 0.84 -6.23
N VAL B 236 -16.02 0.01 -5.66
CA VAL B 236 -14.62 -0.07 -6.08
C VAL B 236 -14.39 -1.34 -6.85
N GLU B 237 -13.87 -1.19 -8.06
CA GLU B 237 -13.54 -2.32 -8.93
C GLU B 237 -12.07 -2.67 -8.73
N GLY B 238 -11.81 -3.76 -8.02
CA GLY B 238 -10.44 -4.20 -7.85
C GLY B 238 -9.88 -4.69 -9.18
N ALA B 239 -8.57 -4.57 -9.38
CA ALA B 239 -7.95 -5.07 -10.60
C ALA B 239 -7.16 -6.32 -10.28
N ASN B 240 -6.94 -7.12 -11.31
CA ASN B 240 -6.17 -8.34 -11.14
C ASN B 240 -6.85 -9.18 -10.03
N ALA B 241 -6.06 -9.75 -9.12
CA ALA B 241 -6.62 -10.59 -8.08
C ALA B 241 -5.58 -10.90 -7.00
N LEU B 242 -6.05 -11.50 -5.91
CA LEU B 242 -5.30 -11.65 -4.68
C LEU B 242 -3.98 -12.42 -4.90
N MET B 243 -4.01 -13.52 -5.65
CA MET B 243 -2.81 -14.32 -5.80
C MET B 243 -1.81 -13.68 -6.76
N LEU B 244 -2.18 -12.51 -7.31
CA LEU B 244 -1.25 -11.66 -8.06
C LEU B 244 -0.78 -10.45 -7.24
N ASP B 245 -1.17 -10.38 -5.97
CA ASP B 245 -0.82 -9.24 -5.12
C ASP B 245 0.69 -9.14 -4.95
N LEU B 246 1.25 -7.93 -5.03
CA LEU B 246 2.70 -7.77 -4.98
C LEU B 246 3.28 -8.31 -3.68
N ASP B 247 2.57 -8.11 -2.57
CA ASP B 247 3.00 -8.64 -1.28
C ASP B 247 2.60 -10.10 -1.07
N TYR B 248 1.33 -10.41 -1.34
CA TYR B 248 0.75 -11.67 -0.88
C TYR B 248 0.53 -12.74 -1.94
N GLY B 249 0.75 -12.41 -3.21
CA GLY B 249 0.62 -13.38 -4.28
C GLY B 249 1.81 -14.33 -4.41
N THR B 250 1.81 -15.09 -5.50
CA THR B 250 2.89 -16.04 -5.74
C THR B 250 4.15 -15.36 -6.29
N TYR B 251 4.71 -14.48 -5.47
CA TYR B 251 5.88 -13.68 -5.82
C TYR B 251 7.06 -14.57 -6.24
N PRO B 252 7.74 -14.24 -7.37
CA PRO B 252 7.62 -13.03 -8.22
C PRO B 252 6.57 -13.08 -9.32
N PHE B 253 5.79 -14.15 -9.37
CA PHE B 253 4.76 -14.32 -10.39
C PHE B 253 3.49 -13.63 -9.93
N VAL B 254 3.59 -12.30 -9.95
CA VAL B 254 2.58 -11.38 -9.42
C VAL B 254 2.61 -10.13 -10.25
N THR B 255 1.61 -9.25 -10.08
CA THR B 255 1.65 -7.92 -10.65
C THR B 255 2.28 -6.96 -9.62
N SER B 256 2.52 -5.72 -10.01
CA SER B 256 3.36 -4.81 -9.20
C SER B 256 2.59 -3.81 -8.35
N SER B 257 1.35 -4.14 -8.02
CA SER B 257 0.54 -3.31 -7.17
C SER B 257 -0.14 -4.19 -6.15
N SER B 258 -0.72 -3.54 -5.15
CA SER B 258 -1.60 -4.20 -4.26
C SER B 258 -2.96 -4.43 -4.90
N THR B 259 -3.26 -5.69 -5.12
CA THR B 259 -4.53 -6.10 -5.71
C THR B 259 -5.57 -6.42 -4.65
N SER B 260 -5.13 -6.31 -3.41
CA SER B 260 -5.89 -6.73 -2.24
C SER B 260 -6.54 -5.52 -1.57
N ILE B 261 -7.19 -5.75 -0.45
CA ILE B 261 -8.03 -4.72 0.17
C ILE B 261 -7.23 -3.48 0.61
N GLY B 262 -5.98 -3.65 1.04
CA GLY B 262 -5.18 -2.50 1.42
C GLY B 262 -4.94 -1.54 0.27
N GLY B 263 -4.95 -2.07 -0.95
CA GLY B 263 -4.76 -1.29 -2.15
C GLY B 263 -5.94 -0.37 -2.43
N VAL B 264 -7.09 -0.72 -1.87
CA VAL B 264 -8.28 0.12 -1.97
C VAL B 264 -8.09 1.31 -1.05
N VAL B 265 -7.67 1.02 0.17
CA VAL B 265 -7.44 2.08 1.16
C VAL B 265 -6.35 3.04 0.68
N SER B 266 -5.21 2.52 0.26
CA SER B 266 -4.13 3.35 -0.26
C SER B 266 -4.48 4.02 -1.58
N GLY B 267 -5.06 3.26 -2.50
CA GLY B 267 -5.27 3.74 -3.85
C GLY B 267 -6.30 4.84 -3.95
N LEU B 268 -7.23 4.87 -2.99
CA LEU B 268 -8.25 5.94 -2.92
C LEU B 268 -8.01 6.96 -1.81
N GLY B 269 -7.10 6.65 -0.90
CA GLY B 269 -6.75 7.58 0.15
C GLY B 269 -7.91 7.82 1.08
N ILE B 270 -8.57 6.73 1.46
CA ILE B 270 -9.70 6.76 2.36
C ILE B 270 -9.40 6.04 3.68
N SER B 271 -10.22 6.30 4.68
CA SER B 271 -10.11 5.59 5.95
C SER B 271 -10.56 4.14 5.80
N PRO B 272 -9.91 3.21 6.52
CA PRO B 272 -10.44 1.84 6.53
C PRO B 272 -11.88 1.77 7.04
N PHE B 273 -12.28 2.75 7.84
CA PHE B 273 -13.61 2.77 8.43
C PHE B 273 -14.68 2.97 7.38
N ALA B 274 -14.29 3.44 6.20
CA ALA B 274 -15.25 3.66 5.12
C ALA B 274 -15.63 2.38 4.37
N ILE B 275 -14.84 1.32 4.54
CA ILE B 275 -15.12 0.05 3.89
C ILE B 275 -16.25 -0.68 4.59
N LYS B 276 -17.33 -0.96 3.85
CA LYS B 276 -18.54 -1.58 4.39
C LYS B 276 -18.70 -3.02 3.93
N ARG B 277 -18.36 -3.30 2.67
CA ARG B 277 -18.51 -4.64 2.09
C ARG B 277 -17.31 -4.94 1.24
N VAL B 278 -16.87 -6.19 1.27
CA VAL B 278 -15.75 -6.66 0.47
C VAL B 278 -16.19 -7.97 -0.16
N VAL B 279 -16.54 -7.91 -1.44
CA VAL B 279 -17.05 -9.08 -2.15
C VAL B 279 -15.92 -9.78 -2.87
N GLY B 280 -15.75 -11.06 -2.56
CA GLY B 280 -14.69 -11.85 -3.19
C GLY B 280 -15.23 -12.55 -4.41
N VAL B 281 -14.63 -12.28 -5.56
CA VAL B 281 -15.06 -12.94 -6.79
C VAL B 281 -14.22 -14.20 -6.99
N ILE B 282 -14.92 -15.34 -6.87
CA ILE B 282 -14.33 -16.66 -6.85
C ILE B 282 -14.91 -17.45 -8.01
N LYS B 283 -14.06 -17.80 -8.96
CA LYS B 283 -14.47 -18.59 -10.11
C LYS B 283 -14.66 -20.03 -9.64
N ALA B 284 -15.65 -20.73 -10.21
CA ALA B 284 -15.98 -22.11 -9.83
C ALA B 284 -14.88 -23.14 -10.13
N TYR B 285 -13.88 -22.72 -10.90
CA TYR B 285 -12.65 -23.47 -11.17
C TYR B 285 -11.52 -22.42 -11.21
N THR B 286 -10.27 -22.84 -11.36
CA THR B 286 -9.16 -21.90 -11.24
C THR B 286 -8.48 -21.69 -12.58
N THR B 287 -8.06 -20.46 -12.82
CA THR B 287 -7.21 -20.15 -13.95
C THR B 287 -6.04 -19.27 -13.54
N ARG B 288 -4.97 -19.34 -14.33
CA ARG B 288 -4.01 -18.26 -14.31
C ARG B 288 -3.41 -18.16 -15.72
N VAL B 289 -2.92 -16.97 -16.03
CA VAL B 289 -2.29 -16.76 -17.31
C VAL B 289 -0.97 -16.08 -17.05
N GLY B 290 0.07 -16.57 -17.69
CA GLY B 290 1.42 -16.14 -17.38
C GLY B 290 2.08 -17.22 -16.54
N GLY B 291 3.30 -16.93 -16.11
CA GLY B 291 4.12 -17.91 -15.43
C GLY B 291 3.80 -18.12 -13.96
N GLY B 292 4.36 -19.18 -13.39
CA GLY B 292 4.31 -19.39 -11.96
C GLY B 292 3.53 -20.63 -11.58
N PRO B 293 3.57 -20.98 -10.31
CA PRO B 293 2.94 -22.19 -9.79
C PRO B 293 1.43 -22.14 -9.82
N PHE B 294 0.83 -23.34 -9.90
CA PHE B 294 -0.59 -23.52 -10.08
C PHE B 294 -0.93 -24.94 -9.60
N PRO B 295 -1.16 -25.10 -8.27
CA PRO B 295 -1.24 -26.47 -7.75
C PRO B 295 -2.33 -27.37 -8.35
N THR B 296 -3.47 -26.81 -8.72
CA THR B 296 -4.55 -27.64 -9.28
C THR B 296 -4.63 -27.60 -10.79
N GLU B 297 -3.58 -27.10 -11.46
CA GLU B 297 -3.54 -27.05 -12.92
C GLU B 297 -3.79 -28.41 -13.50
N ASP B 298 -4.62 -28.48 -14.53
CA ASP B 298 -4.80 -29.72 -15.27
C ASP B 298 -4.24 -29.56 -16.66
N LEU B 299 -3.32 -30.47 -17.02
CA LEU B 299 -2.61 -30.42 -18.29
C LEU B 299 -3.21 -31.36 -19.32
N ALA B 300 -4.36 -31.95 -19.01
CA ALA B 300 -4.99 -32.92 -19.89
C ALA B 300 -6.38 -32.46 -20.31
N THR B 301 -7.33 -33.38 -20.37
CA THR B 301 -8.63 -33.07 -20.96
C THR B 301 -9.50 -32.17 -20.09
N VAL B 302 -9.40 -32.28 -18.77
CA VAL B 302 -10.15 -31.38 -17.91
C VAL B 302 -9.73 -29.94 -18.20
N GLY B 303 -8.42 -29.69 -18.27
CA GLY B 303 -7.94 -28.35 -18.50
C GLY B 303 -8.43 -27.83 -19.85
N GLU B 304 -8.36 -28.69 -20.87
CA GLU B 304 -8.80 -28.33 -22.20
C GLU B 304 -10.30 -28.00 -22.23
N THR B 305 -11.09 -28.76 -21.48
CA THR B 305 -12.52 -28.56 -21.46
C THR B 305 -12.87 -27.26 -20.74
N LEU B 306 -12.20 -26.99 -19.63
CA LEU B 306 -12.43 -25.72 -18.94
C LEU B 306 -12.05 -24.55 -19.85
N GLN B 307 -10.97 -24.72 -20.59
CA GLN B 307 -10.49 -23.65 -21.45
C GLN B 307 -11.51 -23.35 -22.55
N GLU B 308 -12.04 -24.40 -23.15
CA GLU B 308 -12.97 -24.24 -24.29
C GLU B 308 -14.34 -23.77 -23.81
N VAL B 309 -14.92 -24.50 -22.85
CA VAL B 309 -16.27 -24.20 -22.39
C VAL B 309 -16.27 -22.84 -21.69
N GLY B 310 -15.22 -22.55 -20.92
CA GLY B 310 -15.11 -21.30 -20.20
C GLY B 310 -14.54 -20.16 -21.02
N ALA B 311 -14.24 -20.42 -22.29
CA ALA B 311 -13.70 -19.41 -23.21
C ALA B 311 -12.54 -18.67 -22.54
N GLU B 312 -11.58 -19.46 -22.05
CA GLU B 312 -10.48 -18.90 -21.26
C GLU B 312 -9.30 -18.55 -22.15
N TYR B 313 -9.45 -17.44 -22.87
CA TYR B 313 -8.40 -16.95 -23.73
C TYR B 313 -8.58 -15.46 -23.94
N GLY B 314 -7.49 -14.76 -24.28
CA GLY B 314 -7.53 -13.33 -24.46
C GLY B 314 -8.41 -12.93 -25.63
N THR B 315 -9.16 -11.85 -25.44
CA THR B 315 -10.18 -11.43 -26.39
C THR B 315 -9.57 -10.91 -27.71
N VAL B 316 -8.40 -10.28 -27.61
CA VAL B 316 -7.74 -9.70 -28.77
C VAL B 316 -6.50 -10.51 -29.13
N THR B 317 -5.84 -11.01 -28.09
CA THR B 317 -4.55 -11.68 -28.25
C THR B 317 -4.71 -13.17 -28.57
N GLY B 318 -5.76 -13.80 -28.03
CA GLY B 318 -5.95 -15.23 -28.17
C GLY B 318 -5.12 -15.98 -27.15
N ARG B 319 -4.53 -15.23 -26.21
CA ARG B 319 -3.69 -15.78 -25.14
C ARG B 319 -4.47 -16.75 -24.28
N ARG B 320 -4.15 -18.03 -24.42
CA ARG B 320 -4.87 -19.11 -23.74
C ARG B 320 -4.49 -19.20 -22.28
N ARG B 321 -5.47 -19.46 -21.42
CA ARG B 321 -5.21 -19.47 -19.98
C ARG B 321 -5.03 -20.88 -19.47
N ARG B 322 -4.19 -21.01 -18.46
CA ARG B 322 -4.02 -22.26 -17.75
C ARG B 322 -5.25 -22.50 -16.90
N CYS B 323 -5.77 -23.73 -16.90
CA CYS B 323 -7.00 -24.04 -16.20
C CYS B 323 -6.80 -25.23 -15.29
N GLY B 324 -7.58 -25.26 -14.21
CA GLY B 324 -7.54 -26.37 -13.29
C GLY B 324 -8.72 -26.35 -12.33
N TRP B 325 -8.74 -27.29 -11.41
CA TRP B 325 -9.84 -27.41 -10.47
C TRP B 325 -9.92 -26.21 -9.53
N LEU B 326 -11.09 -25.98 -8.97
CA LEU B 326 -11.23 -25.07 -7.84
C LEU B 326 -10.24 -25.45 -6.74
N ASP B 327 -9.58 -24.44 -6.17
CA ASP B 327 -8.60 -24.66 -5.09
C ASP B 327 -9.02 -23.86 -3.87
N LEU B 328 -9.58 -24.52 -2.86
CA LEU B 328 -10.09 -23.80 -1.69
C LEU B 328 -8.98 -23.52 -0.66
N VAL B 329 -7.81 -24.13 -0.86
CA VAL B 329 -6.67 -23.77 -0.02
C VAL B 329 -6.27 -22.35 -0.40
N VAL B 330 -6.16 -22.10 -1.70
CA VAL B 330 -5.97 -20.76 -2.20
C VAL B 330 -7.06 -19.84 -1.66
N MET B 331 -8.32 -20.25 -1.75
CA MET B 331 -9.40 -19.36 -1.33
C MET B 331 -9.39 -19.07 0.18
N LYS B 332 -8.96 -20.03 0.99
CA LYS B 332 -8.85 -19.81 2.44
C LYS B 332 -7.82 -18.70 2.71
N TYR B 333 -6.70 -18.76 2.00
CA TYR B 333 -5.64 -17.76 2.11
C TYR B 333 -6.13 -16.40 1.63
N SER B 334 -6.80 -16.42 0.48
CA SER B 334 -7.35 -15.22 -0.12
C SER B 334 -8.34 -14.52 0.82
N THR B 335 -9.17 -15.31 1.49
CA THR B 335 -10.14 -14.83 2.44
C THR B 335 -9.46 -14.26 3.68
N MET B 336 -8.36 -14.88 4.09
CA MET B 336 -7.60 -14.42 5.24
C MET B 336 -7.04 -13.01 5.00
N ILE B 337 -6.48 -12.79 3.82
CA ILE B 337 -5.90 -11.49 3.50
C ILE B 337 -6.95 -10.40 3.30
N ASN B 338 -8.02 -10.72 2.55
CA ASN B 338 -8.98 -9.70 2.14
C ASN B 338 -10.20 -9.55 3.06
N GLY B 339 -10.53 -10.58 3.84
CA GLY B 339 -11.65 -10.49 4.78
C GLY B 339 -13.01 -10.32 4.12
N TYR B 340 -13.29 -11.16 3.13
CA TYR B 340 -14.54 -11.08 2.37
C TYR B 340 -15.76 -11.11 3.29
N THR B 341 -16.72 -10.23 3.00
CA THR B 341 -17.98 -10.23 3.70
C THR B 341 -19.01 -11.12 2.99
N SER B 342 -18.82 -11.37 1.69
CA SER B 342 -19.58 -12.37 0.96
C SER B 342 -18.82 -12.71 -0.32
N LEU B 343 -19.27 -13.76 -1.02
CA LEU B 343 -18.63 -14.22 -2.24
C LEU B 343 -19.54 -14.11 -3.45
N ASN B 344 -18.93 -13.87 -4.60
CA ASN B 344 -19.58 -14.05 -5.90
C ASN B 344 -18.94 -15.26 -6.58
N LEU B 345 -19.66 -16.37 -6.63
CA LEU B 345 -19.19 -17.58 -7.29
C LEU B 345 -19.51 -17.50 -8.77
N THR B 346 -18.49 -17.44 -9.62
CA THR B 346 -18.69 -17.16 -11.04
C THR B 346 -18.47 -18.35 -11.97
N LYS B 347 -19.06 -18.27 -13.15
CA LYS B 347 -18.84 -19.26 -14.20
C LYS B 347 -19.23 -20.68 -13.74
N LEU B 348 -20.25 -20.77 -12.90
CA LEU B 348 -20.67 -22.07 -12.40
C LEU B 348 -21.19 -22.92 -13.55
N ASP B 349 -21.73 -22.26 -14.57
CA ASP B 349 -22.28 -22.93 -15.75
C ASP B 349 -21.21 -23.68 -16.55
N VAL B 350 -19.95 -23.27 -16.41
CA VAL B 350 -18.88 -23.95 -17.12
C VAL B 350 -18.73 -25.40 -16.67
N LEU B 351 -19.23 -25.71 -15.48
CA LEU B 351 -19.17 -27.09 -14.96
C LEU B 351 -20.44 -27.91 -15.23
N ASP B 352 -21.39 -27.34 -15.97
CA ASP B 352 -22.68 -28.00 -16.26
C ASP B 352 -22.56 -29.37 -16.93
N GLY B 353 -21.46 -29.61 -17.65
CA GLY B 353 -21.28 -30.85 -18.38
C GLY B 353 -20.42 -31.90 -17.70
N PHE B 354 -19.91 -31.59 -16.50
CA PHE B 354 -19.01 -32.48 -15.79
C PHE B 354 -19.75 -33.56 -15.01
N GLU B 355 -19.26 -34.79 -15.09
CA GLU B 355 -19.83 -35.89 -14.32
C GLU B 355 -19.36 -35.84 -12.87
N GLU B 356 -18.10 -35.47 -12.68
CA GLU B 356 -17.49 -35.37 -11.36
C GLU B 356 -16.67 -34.10 -11.36
N ILE B 357 -16.62 -33.42 -10.21
CA ILE B 357 -15.88 -32.17 -10.07
C ILE B 357 -14.99 -32.27 -8.85
N LYS B 358 -13.68 -32.08 -9.03
CA LYS B 358 -12.74 -32.11 -7.92
C LYS B 358 -12.52 -30.71 -7.37
N VAL B 359 -12.33 -30.64 -6.06
CA VAL B 359 -12.09 -29.40 -5.35
C VAL B 359 -10.94 -29.61 -4.37
N ALA B 360 -9.88 -28.83 -4.49
CA ALA B 360 -8.76 -28.97 -3.57
C ALA B 360 -9.14 -28.44 -2.20
N THR B 361 -8.96 -29.29 -1.19
CA THR B 361 -9.32 -28.95 0.19
C THR B 361 -8.12 -28.92 1.12
N GLY B 362 -6.97 -29.43 0.67
CA GLY B 362 -5.79 -29.39 1.50
C GLY B 362 -4.52 -29.57 0.71
N TYR B 363 -3.42 -29.08 1.28
CA TYR B 363 -2.08 -29.36 0.79
C TYR B 363 -1.32 -30.18 1.82
N LYS B 364 -0.59 -31.22 1.39
CA LYS B 364 0.32 -31.94 2.26
C LYS B 364 1.74 -31.90 1.70
N ILE B 365 2.73 -31.84 2.58
CA ILE B 365 4.12 -32.01 2.22
C ILE B 365 4.66 -33.12 3.10
N ASP B 366 5.20 -34.16 2.49
CA ASP B 366 5.76 -35.29 3.22
C ASP B 366 4.69 -35.89 4.15
N GLY B 367 3.47 -36.00 3.64
CA GLY B 367 2.38 -36.57 4.40
C GLY B 367 1.83 -35.66 5.49
N VAL B 368 2.44 -34.49 5.63
CA VAL B 368 2.05 -33.54 6.67
C VAL B 368 1.25 -32.37 6.10
N GLU B 369 0.14 -32.04 6.75
CA GLU B 369 -0.73 -30.96 6.34
C GLU B 369 0.00 -29.61 6.36
N VAL B 370 -0.14 -28.84 5.30
CA VAL B 370 0.49 -27.52 5.19
C VAL B 370 -0.38 -26.47 5.83
N GLU B 371 0.24 -25.57 6.60
CA GLU B 371 -0.47 -24.43 7.19
C GLU B 371 -0.47 -23.24 6.24
N GLY B 372 -1.66 -22.68 5.98
CA GLY B 372 -1.77 -21.49 5.16
C GLY B 372 -1.22 -21.69 3.77
N PHE B 373 -0.68 -20.64 3.16
CA PHE B 373 -0.14 -20.72 1.81
C PHE B 373 1.33 -20.30 1.86
N PRO B 374 2.22 -21.13 1.33
CA PRO B 374 3.66 -20.84 1.49
C PRO B 374 4.22 -19.73 0.63
N ALA B 375 5.07 -18.91 1.24
CA ALA B 375 5.80 -17.87 0.51
C ALA B 375 6.89 -18.46 -0.38
N ASP B 376 7.44 -19.59 0.05
CA ASP B 376 8.54 -20.21 -0.69
C ASP B 376 7.95 -21.12 -1.75
N LEU B 377 8.25 -20.82 -3.02
CA LEU B 377 7.63 -21.55 -4.12
C LEU B 377 8.22 -22.94 -4.32
N ASP B 378 9.39 -23.19 -3.78
CA ASP B 378 9.92 -24.54 -3.82
C ASP B 378 9.19 -25.42 -2.83
N ARG B 379 8.75 -24.84 -1.72
CA ARG B 379 7.92 -25.58 -0.78
C ARG B 379 6.57 -25.85 -1.46
N LEU B 380 6.02 -24.83 -2.12
CA LEU B 380 4.75 -24.99 -2.82
C LEU B 380 4.84 -26.11 -3.85
N ALA B 381 5.99 -26.24 -4.50
CA ALA B 381 6.17 -27.28 -5.51
C ALA B 381 6.15 -28.69 -4.93
N LYS B 382 6.42 -28.82 -3.64
CA LYS B 382 6.44 -30.15 -3.01
C LYS B 382 5.03 -30.61 -2.63
N VAL B 383 4.04 -29.74 -2.81
CA VAL B 383 2.69 -30.03 -2.30
C VAL B 383 2.01 -31.19 -3.01
N GLU B 384 1.41 -32.07 -2.21
CA GLU B 384 0.49 -33.07 -2.72
C GLU B 384 -0.90 -32.54 -2.43
N VAL B 385 -1.67 -32.28 -3.49
CA VAL B 385 -2.99 -31.72 -3.34
C VAL B 385 -4.00 -32.78 -2.94
N GLN B 386 -4.77 -32.46 -1.90
CA GLN B 386 -5.85 -33.31 -1.43
C GLN B 386 -7.16 -32.80 -2.02
N TYR B 387 -7.92 -33.69 -2.67
CA TYR B 387 -9.16 -33.30 -3.33
C TYR B 387 -10.40 -33.94 -2.74
N ALA B 388 -11.47 -33.17 -2.66
CA ALA B 388 -12.81 -33.71 -2.58
C ALA B 388 -13.35 -33.92 -3.99
N THR B 389 -14.14 -34.98 -4.19
CA THR B 389 -14.79 -35.21 -5.47
C THR B 389 -16.29 -35.11 -5.25
N LEU B 390 -16.92 -34.18 -5.98
CA LEU B 390 -18.34 -33.91 -5.83
C LEU B 390 -19.05 -34.30 -7.09
N PRO B 391 -20.29 -34.81 -6.97
CA PRO B 391 -21.01 -35.20 -8.19
C PRO B 391 -21.49 -34.01 -8.98
N GLY B 392 -21.43 -34.11 -10.30
CA GLY B 392 -21.93 -33.07 -11.18
C GLY B 392 -23.45 -33.02 -11.23
N TRP B 393 -23.98 -31.97 -11.82
CA TRP B 393 -25.43 -31.84 -11.99
C TRP B 393 -25.87 -32.15 -13.41
N LYS B 394 -24.96 -32.07 -14.38
CA LYS B 394 -25.27 -32.44 -15.77
C LYS B 394 -26.59 -31.82 -16.24
N THR B 395 -26.70 -30.52 -15.99
CA THR B 395 -27.86 -29.72 -16.35
C THR B 395 -27.40 -28.33 -16.74
N ASP B 396 -28.05 -27.75 -17.74
CA ASP B 396 -27.82 -26.35 -18.13
C ASP B 396 -28.43 -25.41 -17.09
N ILE B 397 -27.59 -24.63 -16.40
CA ILE B 397 -28.08 -23.71 -15.38
C ILE B 397 -28.08 -22.25 -15.86
N SER B 398 -27.76 -22.03 -17.14
CA SER B 398 -27.55 -20.67 -17.61
C SER B 398 -28.81 -19.80 -17.65
N ASN B 399 -30.00 -20.41 -17.53
CA ASN B 399 -31.23 -19.64 -17.42
C ASN B 399 -31.80 -19.62 -16.01
N CYS B 400 -31.06 -20.14 -15.03
CA CYS B 400 -31.52 -20.09 -13.64
C CYS B 400 -31.49 -18.64 -13.15
N LYS B 401 -32.59 -18.22 -12.54
CA LYS B 401 -32.75 -16.84 -12.09
C LYS B 401 -32.80 -16.71 -10.57
N THR B 402 -33.03 -17.82 -9.88
CA THR B 402 -33.09 -17.83 -8.42
C THR B 402 -32.38 -19.05 -7.89
N TYR B 403 -31.98 -18.99 -6.63
CA TYR B 403 -31.28 -20.10 -5.99
C TYR B 403 -32.10 -21.38 -6.05
N GLU B 404 -33.42 -21.27 -5.84
CA GLU B 404 -34.27 -22.45 -5.80
C GLU B 404 -34.32 -23.19 -7.13
N GLU B 405 -34.00 -22.51 -8.23
CA GLU B 405 -34.02 -23.14 -9.54
C GLU B 405 -32.76 -24.00 -9.79
N PHE B 406 -31.75 -23.86 -8.94
CA PHE B 406 -30.53 -24.62 -9.13
C PHE B 406 -30.75 -26.11 -8.95
N PRO B 407 -30.06 -26.94 -9.75
CA PRO B 407 -30.03 -28.38 -9.49
C PRO B 407 -29.46 -28.69 -8.12
N GLU B 408 -29.88 -29.80 -7.50
CA GLU B 408 -29.46 -30.10 -6.15
C GLU B 408 -27.93 -30.17 -6.02
N ASN B 409 -27.24 -30.73 -7.01
CA ASN B 409 -25.80 -30.88 -6.89
C ASN B 409 -25.05 -29.56 -7.12
N ALA B 410 -25.70 -28.60 -7.78
CA ALA B 410 -25.15 -27.24 -7.85
C ALA B 410 -25.31 -26.53 -6.51
N LYS B 411 -26.47 -26.69 -5.90
CA LYS B 411 -26.66 -26.20 -4.55
C LYS B 411 -25.60 -26.78 -3.61
N ALA B 412 -25.33 -28.08 -3.75
CA ALA B 412 -24.35 -28.76 -2.90
C ALA B 412 -22.95 -28.17 -3.10
N TYR B 413 -22.63 -27.84 -4.34
CA TYR B 413 -21.34 -27.28 -4.67
C TYR B 413 -21.18 -25.91 -3.98
N ILE B 414 -22.22 -25.09 -4.06
CA ILE B 414 -22.23 -23.78 -3.41
C ILE B 414 -22.05 -23.93 -1.90
N LYS B 415 -22.82 -24.82 -1.30
CA LYS B 415 -22.76 -25.02 0.15
C LYS B 415 -21.39 -25.56 0.57
N PHE B 416 -20.81 -26.45 -0.22
CA PHE B 416 -19.50 -27.00 0.09
C PHE B 416 -18.47 -25.86 0.25
N ILE B 417 -18.55 -24.91 -0.66
CA ILE B 417 -17.62 -23.79 -0.70
C ILE B 417 -17.85 -22.88 0.51
N GLU B 418 -19.11 -22.53 0.76
CA GLU B 418 -19.47 -21.71 1.92
C GLU B 418 -19.00 -22.29 3.23
N ASP B 419 -19.28 -23.58 3.41
CA ASP B 419 -18.97 -24.24 4.66
C ASP B 419 -17.46 -24.33 4.86
N TYR B 420 -16.72 -24.54 3.79
CA TYR B 420 -15.28 -24.64 3.88
C TYR B 420 -14.67 -23.32 4.27
N LEU B 421 -15.15 -22.24 3.65
CA LEU B 421 -14.51 -20.93 3.78
C LEU B 421 -15.06 -20.09 4.91
N GLY B 422 -16.27 -20.41 5.37
CA GLY B 422 -16.91 -19.62 6.41
C GLY B 422 -17.41 -18.26 5.94
N VAL B 423 -17.64 -18.14 4.64
CA VAL B 423 -18.17 -16.94 4.02
C VAL B 423 -19.30 -17.35 3.08
N LYS B 424 -20.43 -16.66 3.14
CA LYS B 424 -21.58 -17.02 2.33
C LYS B 424 -21.45 -16.54 0.89
N VAL B 425 -22.00 -17.32 -0.02
CA VAL B 425 -22.11 -16.94 -1.41
C VAL B 425 -23.37 -16.09 -1.63
N GLN B 426 -23.16 -14.86 -2.08
CA GLN B 426 -24.26 -13.90 -2.24
C GLN B 426 -24.73 -13.80 -3.69
N TYR B 427 -23.82 -14.04 -4.62
CA TYR B 427 -24.07 -13.89 -6.05
C TYR B 427 -23.53 -15.09 -6.80
N VAL B 428 -24.29 -15.64 -7.74
CA VAL B 428 -23.82 -16.75 -8.55
C VAL B 428 -23.94 -16.41 -10.03
N GLY B 429 -22.81 -16.52 -10.73
CA GLY B 429 -22.77 -16.29 -12.17
C GLY B 429 -23.04 -17.55 -12.95
N VAL B 430 -23.97 -17.49 -13.90
CA VAL B 430 -24.35 -18.67 -14.67
C VAL B 430 -24.27 -18.44 -16.16
N GLY B 431 -23.57 -17.39 -16.56
CA GLY B 431 -23.39 -17.04 -17.96
C GLY B 431 -22.74 -15.68 -18.07
N PRO B 432 -22.32 -15.31 -19.27
CA PRO B 432 -21.58 -14.04 -19.38
C PRO B 432 -22.47 -12.79 -19.30
N GLY B 433 -23.77 -12.95 -19.55
CA GLY B 433 -24.66 -11.80 -19.62
C GLY B 433 -24.90 -11.10 -18.30
N ARG B 434 -25.18 -9.80 -18.37
CA ARG B 434 -25.51 -9.01 -17.18
C ARG B 434 -26.66 -9.66 -16.44
N ASP B 435 -27.57 -10.28 -17.18
CA ASP B 435 -28.75 -10.84 -16.57
C ASP B 435 -28.49 -12.20 -15.93
N GLN B 436 -27.34 -12.81 -16.20
CA GLN B 436 -27.08 -14.19 -15.75
C GLN B 436 -26.34 -14.20 -14.42
N ASN B 437 -26.99 -13.56 -13.44
CA ASN B 437 -26.50 -13.43 -12.08
C ASN B 437 -27.65 -13.74 -11.12
N VAL B 438 -27.45 -14.71 -10.25
CA VAL B 438 -28.44 -15.09 -9.26
C VAL B 438 -28.08 -14.45 -7.93
N ILE B 439 -28.98 -13.62 -7.41
CA ILE B 439 -28.81 -12.99 -6.12
C ILE B 439 -29.44 -13.85 -5.04
N ILE B 440 -28.63 -14.32 -4.09
CA ILE B 440 -29.14 -15.19 -3.04
C ILE B 440 -29.66 -14.40 -1.83
N PHE B 441 -29.01 -13.28 -1.52
CA PHE B 441 -29.45 -12.40 -0.43
C PHE B 441 -28.89 -10.99 -0.59
PB GDP C . 9.74 10.28 15.52
O1B GDP C . 9.62 8.78 15.69
O2B GDP C . 10.69 10.59 14.37
O3B GDP C . 8.40 10.85 15.27
O3A GDP C . 10.24 11.04 16.81
PA GDP C . 10.96 10.63 18.11
O1A GDP C . 10.08 9.88 19.07
O2A GDP C . 12.30 10.04 17.88
O5' GDP C . 11.14 12.09 18.80
C5' GDP C . 11.96 13.06 18.14
C4' GDP C . 12.62 13.93 19.23
O4' GDP C . 11.70 14.70 19.76
C3' GDP C . 13.16 13.06 20.38
O3' GDP C . 14.39 13.51 20.77
C2' GDP C . 12.13 13.25 21.52
O2' GDP C . 12.81 13.04 22.83
C1' GDP C . 11.71 14.48 21.35
N9 GDP C . 10.39 14.75 21.84
C8 GDP C . 9.29 13.95 21.76
N7 GDP C . 8.24 14.56 22.34
C5 GDP C . 8.69 15.77 22.77
C6 GDP C . 7.96 16.88 23.49
O6 GDP C . 6.80 16.80 23.80
N1 GDP C . 8.70 18.00 23.80
C2 GDP C . 10.05 18.11 23.47
N2 GDP C . 10.76 19.31 23.80
N3 GDP C . 10.75 17.08 22.78
C4 GDP C . 10.02 15.89 22.45
H5' GDP C . 12.65 12.60 17.60
H5'' GDP C . 11.40 13.62 17.55
H4' GDP C . 13.34 14.48 18.84
H3' GDP C . 13.21 12.11 20.10
HO3' GDP C . 14.60 13.15 21.58
H2' GDP C . 11.40 12.62 21.41
HO2' GDP C . 12.19 12.80 23.45
H1' GDP C . 12.34 15.10 21.75
H8 GDP C . 9.28 13.07 21.38
HN1 GDP C . 8.28 18.69 24.23
HN21 GDP C . 11.66 19.39 23.59
HN22 GDP C . 10.34 19.98 24.24
P IMP D . 14.07 7.92 2.12
O1P IMP D . 14.03 7.41 0.69
O2P IMP D . 15.46 7.70 2.69
O3P IMP D . 12.90 7.36 2.90
O5' IMP D . 13.88 9.52 2.07
C5' IMP D . 12.90 10.09 1.22
C4' IMP D . 12.43 11.45 1.68
O4' IMP D . 11.67 11.26 2.91
C3' IMP D . 13.49 12.48 2.03
O3' IMP D . 12.95 13.79 1.83
C2' IMP D . 13.71 12.23 3.52
O2' IMP D . 14.26 13.29 4.25
C1' IMP D . 12.29 11.95 3.96
N9 IMP D . 12.21 11.08 5.13
C8 IMP D . 12.24 9.71 5.15
N7 IMP D . 12.13 9.35 6.45
C5 IMP D . 12.03 10.47 7.21
C6 IMP D . 11.90 10.66 8.70
O6 IMP D . 11.85 9.69 9.44
N1 IMP D . 11.83 11.97 9.19
C2 IMP D . 11.89 13.10 8.31
N3 IMP D . 12.01 12.93 6.89
C4 IMP D . 12.09 11.55 6.37
H5'1 IMP D . 13.29 10.19 0.33
H5'2 IMP D . 12.13 9.50 1.17
H4' IMP D . 11.84 11.83 1.01
H3' IMP D . 14.31 12.34 1.51
HO3' IMP D . 13.39 14.20 1.18
H2' IMP D . 14.25 11.44 3.64
HO2' IMP D . 14.02 14.08 3.87
H1' IMP D . 11.81 12.79 4.15
H8 IMP D . 12.32 9.11 4.38
HN1 IMP D . 11.75 12.11 10.09
H2 IMP D . 11.84 14.02 8.69
PB GDP E . -12.46 -9.72 -14.83
O1B GDP E . -12.38 -10.36 -13.47
O2B GDP E . -13.24 -8.40 -14.80
O3B GDP E . -11.11 -9.51 -15.43
O3A GDP E . -13.29 -10.77 -15.68
PA GDP E . -14.38 -10.52 -16.76
O1A GDP E . -13.77 -9.97 -18.00
O2A GDP E . -15.58 -9.71 -16.32
O5' GDP E . -14.98 -12.01 -17.04
C5' GDP E . -14.10 -13.10 -17.40
C4' GDP E . -14.75 -13.85 -18.62
O4' GDP E . -15.70 -14.67 -18.26
C3' GDP E . -15.43 -12.87 -19.59
O3' GDP E . -15.25 -13.34 -20.87
C2' GDP E . -16.92 -12.91 -19.15
O2' GDP E . -17.77 -12.55 -20.31
C1' GDP E . -17.11 -14.16 -18.82
N9 GDP E . -17.98 -14.44 -17.73
C8 GDP E . -18.15 -13.72 -16.58
N7 GDP E . -19.01 -14.39 -15.78
C5 GDP E . -19.36 -15.54 -16.43
C6 GDP E . -20.27 -16.67 -16.02
O6 GDP E . -20.86 -16.68 -14.97
N1 GDP E . -20.39 -17.72 -16.90
C2 GDP E . -19.70 -17.74 -18.11
N2 GDP E . -19.87 -18.86 -18.94
N3 GDP E . -18.83 -16.67 -18.54
C4 GDP E . -18.70 -15.57 -17.62
H5' GDP E . -14.02 -13.73 -16.64
H5'' GDP E . -13.23 -12.76 -17.65
H4' GDP E . -14.06 -14.34 -19.10
H3' GDP E . -15.06 -11.96 -19.49
HO3' GDP E . -15.91 -13.02 -21.41
H2' GDP E . -17.08 -12.31 -18.40
HO2' GDP E . -18.61 -12.41 -20.03
H1' GDP E . -17.37 -14.68 -19.60
H8 GDP E . -17.77 -12.86 -16.39
HN1 GDP E . -20.93 -18.42 -16.68
HN21 GDP E . -19.44 -18.90 -19.77
HN22 GDP E . -20.43 -19.53 -18.70
P IMP F . 1.80 -7.57 -15.30
O1P IMP F . 1.55 -7.23 -16.75
O2P IMP F . 3.17 -7.13 -14.85
O3P IMP F . 0.66 -7.07 -14.43
O5' IMP F . 1.70 -9.17 -15.21
C5' IMP F . 2.14 -9.86 -14.05
C4' IMP F . 1.36 -11.14 -13.85
O4' IMP F . -0.03 -10.81 -13.61
C3' IMP F . 1.35 -12.08 -15.04
O3' IMP F . 1.24 -13.43 -14.59
C2' IMP F . 0.07 -11.67 -15.76
O2' IMP F . -0.44 -12.63 -16.65
C1' IMP F . -0.84 -11.43 -14.57
N9 IMP F . -1.92 -10.49 -14.86
C8 IMP F . -1.88 -9.13 -14.86
N7 IMP F . -3.11 -8.68 -15.17
C5 IMP F . -3.92 -9.76 -15.35
C6 IMP F . -5.37 -9.91 -15.70
O6 IMP F . -6.11 -8.95 -15.88
N1 IMP F . -5.89 -11.19 -15.83
C2 IMP F . -5.10 -12.33 -15.61
N3 IMP F . -3.73 -12.20 -15.28
C4 IMP F . -3.17 -10.87 -15.15
H5'1 IMP F . 3.08 -10.07 -14.14
H5'2 IMP F . 2.01 -9.29 -13.27
H4' IMP F . 1.72 -11.61 -13.07
H3' IMP F . 2.14 -11.96 -15.60
HO3' IMP F . 1.97 -13.89 -14.80
H2' IMP F . 0.23 -10.84 -16.24
HO2' IMP F . -0.26 -12.40 -17.49
H1' IMP F . -1.20 -12.28 -14.24
H8 IMP F . -1.08 -8.58 -14.67
HN1 IMP F . -6.78 -11.30 -16.04
H2 IMP F . -5.49 -13.22 -15.70
#